data_7R55
#
_entry.id   7R55
#
_cell.length_a   57.341
_cell.length_b   58.997
_cell.length_c   210.306
_cell.angle_alpha   90.000
_cell.angle_beta   90.000
_cell.angle_gamma   90.000
#
_symmetry.space_group_name_H-M   'P 21 21 21'
#
loop_
_entity.id
_entity.type
_entity.pdbx_description
1 polymer Sarol-1
2 branched alpha-D-galactopyranose-(1-4)-beta-D-galactopyranose-(1-4)-alpha-D-glucopyranose
3 non-polymer 1,2-ETHANEDIOL
4 water water
#
_entity_poly.entity_id   1
_entity_poly.type   'polypeptide(L)'
_entity_poly.pdbx_seq_one_letter_code
;MSSTFEPATDSPLPVPGVQYFLQHVQSGKYVHPHGGSDMPGNDTALVLHHGFDEKRDALRWVFVNDAENKHQLKHYSSGK
FVHPKGGKVGKEATLVVHSSPGRPETMIEMVQEDGRTYLRHTDSDYYVHPHGGSPNPGDNTRLVYYSGYRPSLAFLAIPA
ETLFVDRIEIHQAQALESINTITSLSDEHRNDTDQPVQTSISVALEESLQDSAQLSFERCFGLKVGSEFEVGLPLVGKTK
VSVQFSGSWKSSTIKGEVRTSAVKVQINEHVTIPPGKCVQIRIDTRRCTKTAPATMYLRTASGIEVQRETTVTSTYHYDQ
EVHVVPVTN
;
_entity_poly.pdbx_strand_id   A,B
#
loop_
_chem_comp.id
_chem_comp.type
_chem_comp.name
_chem_comp.formula
EDO non-polymer 1,2-ETHANEDIOL 'C2 H6 O2'
GAL D-saccharide, beta linking beta-D-galactopyranose 'C6 H12 O6'
GLA D-saccharide, alpha linking alpha-D-galactopyranose 'C6 H12 O6'
GLC D-saccharide, alpha linking alpha-D-glucopyranose 'C6 H12 O6'
#
# COMPACT_ATOMS: atom_id res chain seq x y z
N THR A 4 -4.55 21.92 -14.22
CA THR A 4 -5.99 21.91 -14.68
C THR A 4 -6.10 21.98 -16.22
N PHE A 5 -7.11 21.34 -16.80
CA PHE A 5 -7.30 21.31 -18.28
C PHE A 5 -7.86 22.65 -18.79
N GLU A 6 -7.21 23.30 -19.77
CA GLU A 6 -7.61 24.55 -20.52
C GLU A 6 -7.62 24.29 -22.03
N PRO A 7 -8.77 24.16 -22.78
CA PRO A 7 -8.72 23.93 -24.26
C PRO A 7 -7.90 24.96 -25.11
N ALA A 8 -7.67 26.13 -24.51
CA ALA A 8 -6.94 27.26 -25.11
C ALA A 8 -5.50 26.80 -25.43
N THR A 9 -4.99 25.84 -24.67
CA THR A 9 -3.65 25.27 -24.92
C THR A 9 -3.71 23.74 -25.12
N ASP A 10 -4.72 23.05 -24.60
CA ASP A 10 -4.59 21.58 -24.29
C ASP A 10 -5.43 20.70 -25.20
N SER A 11 -6.27 21.27 -26.06
CA SER A 11 -7.23 20.48 -26.87
C SER A 11 -6.38 19.54 -27.72
N PRO A 12 -6.66 18.23 -27.68
CA PRO A 12 -5.85 17.29 -28.45
C PRO A 12 -6.35 17.12 -29.89
N LEU A 13 -5.43 16.87 -30.80
CA LEU A 13 -5.81 16.46 -32.18
C LEU A 13 -6.40 15.05 -32.17
N PRO A 14 -7.54 14.85 -32.84
CA PRO A 14 -8.23 13.56 -32.80
C PRO A 14 -7.42 12.58 -33.62
N VAL A 15 -7.47 11.31 -33.25
CA VAL A 15 -6.82 10.22 -34.01
C VAL A 15 -7.88 9.55 -34.87
N PRO A 16 -7.58 9.30 -36.15
CA PRO A 16 -8.56 8.66 -37.03
C PRO A 16 -8.96 7.26 -36.60
N GLY A 17 -10.23 6.94 -36.72
CA GLY A 17 -10.74 5.60 -36.45
C GLY A 17 -11.39 5.47 -35.07
N VAL A 18 -11.27 6.50 -34.24
CA VAL A 18 -11.74 6.54 -32.85
C VAL A 18 -12.98 7.42 -32.82
N GLN A 19 -13.88 7.07 -31.92
CA GLN A 19 -15.15 7.78 -31.70
C GLN A 19 -14.83 9.05 -30.89
N TYR A 20 -15.38 10.17 -31.34
CA TYR A 20 -15.32 11.42 -30.56
C TYR A 20 -16.69 12.09 -30.47
N PHE A 21 -16.88 12.87 -29.40
CA PHE A 21 -17.87 13.97 -29.37
C PHE A 21 -17.14 15.23 -29.86
N LEU A 22 -17.85 16.16 -30.48
CA LEU A 22 -17.24 17.41 -30.98
C LEU A 22 -17.95 18.56 -30.23
N GLN A 23 -17.17 19.41 -29.59
CA GLN A 23 -17.73 20.50 -28.78
C GLN A 23 -17.15 21.80 -29.25
N HIS A 24 -18.00 22.77 -29.52
CA HIS A 24 -17.62 24.16 -29.76
C HIS A 24 -17.21 24.79 -28.42
N VAL A 25 -15.95 25.16 -28.27
CA VAL A 25 -15.32 25.42 -26.97
C VAL A 25 -16.03 26.59 -26.29
N GLN A 26 -16.24 27.67 -27.03
CA GLN A 26 -16.73 28.90 -26.35
C GLN A 26 -18.20 28.79 -25.92
N SER A 27 -19.08 28.06 -26.62
CA SER A 27 -20.53 27.89 -26.27
C SER A 27 -20.74 26.67 -25.36
N GLY A 28 -19.77 25.74 -25.41
CA GLY A 28 -19.89 24.42 -24.79
C GLY A 28 -20.91 23.55 -25.52
N LYS A 29 -21.37 23.93 -26.69
CA LYS A 29 -22.40 23.11 -27.36
C LYS A 29 -21.72 22.01 -28.18
N TYR A 30 -22.44 20.90 -28.34
CA TYR A 30 -22.00 19.73 -29.13
C TYR A 30 -22.54 19.76 -30.54
N VAL A 31 -21.81 19.07 -31.40
CA VAL A 31 -22.18 18.94 -32.81
C VAL A 31 -23.16 17.78 -32.88
N HIS A 32 -24.34 18.08 -33.37
CA HIS A 32 -25.49 17.17 -33.54
C HIS A 32 -25.91 17.24 -35.00
N PRO A 33 -26.47 16.15 -35.55
CA PRO A 33 -27.36 16.25 -36.73
C PRO A 33 -28.60 17.02 -36.27
N HIS A 34 -29.07 17.97 -37.06
CA HIS A 34 -30.31 18.71 -36.66
C HIS A 34 -31.44 17.72 -36.44
N GLY A 35 -32.12 17.82 -35.32
CA GLY A 35 -33.16 16.84 -34.97
C GLY A 35 -32.68 15.69 -34.13
N GLY A 36 -31.41 15.41 -34.11
CA GLY A 36 -30.85 14.53 -33.07
C GLY A 36 -30.98 13.08 -33.43
N SER A 37 -31.34 12.73 -34.65
CA SER A 37 -31.55 11.30 -35.01
C SER A 37 -30.24 10.47 -34.98
N ASP A 38 -30.34 9.20 -34.66
CA ASP A 38 -29.26 8.24 -34.91
C ASP A 38 -29.17 7.89 -36.39
N MET A 39 -30.20 8.21 -37.17
N MET A 39 -30.21 8.19 -37.17
CA MET A 39 -30.21 7.95 -38.62
CA MET A 39 -30.23 7.93 -38.62
C MET A 39 -30.66 9.22 -39.31
C MET A 39 -30.65 9.22 -39.32
N PRO A 40 -29.79 10.25 -39.32
CA PRO A 40 -30.14 11.51 -39.97
C PRO A 40 -30.32 11.33 -41.46
N GLY A 41 -31.19 12.17 -42.02
CA GLY A 41 -31.47 12.14 -43.47
C GLY A 41 -30.34 12.70 -44.28
N ASN A 42 -30.25 12.31 -45.54
CA ASN A 42 -29.28 12.97 -46.44
C ASN A 42 -29.58 14.46 -46.48
N ASP A 43 -28.54 15.28 -46.46
CA ASP A 43 -28.57 16.77 -46.47
C ASP A 43 -29.09 17.29 -45.13
N THR A 44 -29.19 16.45 -44.09
CA THR A 44 -29.42 16.98 -42.72
C THR A 44 -28.22 17.81 -42.27
N ALA A 45 -28.48 19.00 -41.79
CA ALA A 45 -27.45 19.94 -41.34
C ALA A 45 -26.83 19.51 -40.03
N LEU A 46 -25.53 19.67 -39.91
CA LEU A 46 -24.85 19.68 -38.63
C LEU A 46 -25.21 20.97 -37.90
N VAL A 47 -25.54 20.88 -36.63
CA VAL A 47 -25.81 22.06 -35.79
C VAL A 47 -25.10 21.97 -34.46
N LEU A 48 -25.08 23.10 -33.74
CA LEU A 48 -24.63 23.12 -32.34
C LEU A 48 -25.83 23.03 -31.44
N HIS A 49 -25.76 22.19 -30.39
CA HIS A 49 -26.86 22.03 -29.43
C HIS A 49 -26.27 21.64 -28.08
N HIS A 50 -26.85 22.16 -27.01
CA HIS A 50 -26.38 21.92 -25.64
C HIS A 50 -26.54 20.46 -25.24
N GLY A 51 -27.43 19.72 -25.87
CA GLY A 51 -27.87 18.35 -25.53
C GLY A 51 -26.67 17.40 -25.46
N PHE A 52 -26.54 16.67 -24.36
CA PHE A 52 -25.45 15.66 -24.28
C PHE A 52 -25.80 14.53 -23.33
N ASP A 53 -25.46 13.33 -23.74
CA ASP A 53 -25.45 12.18 -22.84
C ASP A 53 -24.30 11.29 -23.37
N GLU A 54 -23.46 10.72 -22.50
CA GLU A 54 -22.32 9.87 -22.97
C GLU A 54 -22.85 8.67 -23.77
N LYS A 55 -24.07 8.24 -23.54
CA LYS A 55 -24.65 7.02 -24.12
C LYS A 55 -25.28 7.42 -25.45
N ARG A 56 -25.33 8.70 -25.84
CA ARG A 56 -26.11 9.12 -27.05
C ARG A 56 -25.26 8.93 -28.32
N ASP A 57 -25.40 7.81 -29.01
CA ASP A 57 -24.57 7.42 -30.18
C ASP A 57 -24.74 8.42 -31.31
N ALA A 58 -25.90 9.07 -31.44
CA ALA A 58 -26.15 10.10 -32.45
C ALA A 58 -25.18 11.29 -32.33
N LEU A 59 -24.50 11.42 -31.22
CA LEU A 59 -23.51 12.52 -31.03
C LEU A 59 -22.08 12.10 -31.37
N ARG A 60 -21.85 10.84 -31.77
CA ARG A 60 -20.49 10.35 -32.03
C ARG A 60 -20.09 10.63 -33.47
N TRP A 61 -18.82 11.01 -33.65
CA TRP A 61 -18.18 11.30 -34.95
C TRP A 61 -16.84 10.56 -35.02
N VAL A 62 -16.43 10.18 -36.21
CA VAL A 62 -15.15 9.47 -36.44
C VAL A 62 -14.44 10.12 -37.63
N PHE A 63 -13.21 10.59 -37.42
CA PHE A 63 -12.37 11.09 -38.47
C PHE A 63 -11.84 9.85 -39.22
N VAL A 64 -11.88 9.91 -40.54
CA VAL A 64 -11.46 8.79 -41.43
C VAL A 64 -10.34 9.33 -42.31
N ASN A 65 -9.24 8.59 -42.40
CA ASN A 65 -8.14 8.94 -43.31
C ASN A 65 -7.56 7.65 -43.90
N ASP A 66 -8.06 7.22 -45.04
CA ASP A 66 -7.57 6.01 -45.75
C ASP A 66 -7.83 6.18 -47.25
N ALA A 67 -7.36 5.24 -48.08
CA ALA A 67 -7.40 5.33 -49.55
C ALA A 67 -8.81 5.70 -50.03
N GLU A 68 -9.84 4.97 -49.56
CA GLU A 68 -11.29 5.12 -49.83
C GLU A 68 -11.82 6.48 -49.31
N ASN A 69 -11.41 6.97 -48.14
CA ASN A 69 -11.92 8.24 -47.58
C ASN A 69 -10.74 9.02 -47.00
N LYS A 70 -10.09 9.86 -47.78
CA LYS A 70 -8.88 10.58 -47.35
C LYS A 70 -9.34 11.88 -46.65
N HIS A 71 -9.03 12.06 -45.36
CA HIS A 71 -9.43 13.30 -44.62
C HIS A 71 -10.97 13.53 -44.75
N GLN A 72 -11.73 12.64 -44.12
CA GLN A 72 -13.20 12.80 -44.08
C GLN A 72 -13.66 12.64 -42.64
N LEU A 73 -14.97 12.84 -42.42
CA LEU A 73 -15.58 12.84 -41.09
C LEU A 73 -16.93 12.16 -41.20
N LYS A 74 -17.11 11.14 -40.39
CA LYS A 74 -18.21 10.17 -40.48
C LYS A 74 -19.10 10.29 -39.26
N HIS A 75 -20.42 10.32 -39.45
CA HIS A 75 -21.42 10.23 -38.36
C HIS A 75 -21.44 8.77 -37.90
N TYR A 76 -21.05 8.47 -36.67
CA TYR A 76 -20.85 7.09 -36.20
C TYR A 76 -22.09 6.25 -36.39
N SER A 77 -23.22 6.69 -35.90
CA SER A 77 -24.43 5.81 -35.79
C SER A 77 -25.02 5.51 -37.17
N SER A 78 -24.85 6.37 -38.18
CA SER A 78 -25.46 6.24 -39.52
C SER A 78 -24.42 5.76 -40.52
N GLY A 79 -23.13 6.05 -40.31
CA GLY A 79 -22.08 5.85 -41.32
C GLY A 79 -22.09 6.85 -42.44
N LYS A 80 -22.86 7.93 -42.35
CA LYS A 80 -22.88 8.99 -43.37
C LYS A 80 -21.69 9.93 -43.16
N PHE A 81 -21.25 10.56 -44.22
CA PHE A 81 -20.06 11.43 -44.20
C PHE A 81 -20.56 12.86 -44.13
N VAL A 82 -19.66 13.72 -43.68
CA VAL A 82 -19.95 15.16 -43.55
C VAL A 82 -19.52 15.81 -44.85
N HIS A 83 -20.48 16.38 -45.53
CA HIS A 83 -20.32 17.03 -46.84
C HIS A 83 -20.71 18.49 -46.77
N PRO A 84 -20.17 19.31 -47.67
CA PRO A 84 -20.72 20.64 -47.89
C PRO A 84 -22.00 20.46 -48.69
N LYS A 85 -23.07 21.10 -48.27
CA LYS A 85 -24.37 20.94 -48.98
C LYS A 85 -24.16 21.35 -50.46
N GLY A 86 -24.54 20.46 -51.38
CA GLY A 86 -24.38 20.70 -52.83
C GLY A 86 -23.13 20.05 -53.37
N GLY A 87 -22.17 19.70 -52.51
CA GLY A 87 -21.01 18.84 -52.82
C GLY A 87 -19.69 19.60 -53.06
N LYS A 88 -19.66 20.91 -52.93
CA LYS A 88 -18.46 21.75 -53.03
C LYS A 88 -18.36 22.67 -51.83
N VAL A 89 -17.18 22.69 -51.21
CA VAL A 89 -16.91 23.71 -50.16
C VAL A 89 -16.92 25.10 -50.79
N GLY A 90 -17.61 26.02 -50.18
CA GLY A 90 -17.48 27.44 -50.53
C GLY A 90 -18.09 28.24 -49.43
N LYS A 91 -18.05 29.55 -49.58
CA LYS A 91 -18.65 30.44 -48.59
C LYS A 91 -20.08 30.04 -48.23
N GLU A 92 -20.36 29.88 -46.94
CA GLU A 92 -21.68 29.64 -46.33
C GLU A 92 -22.23 28.31 -46.80
N ALA A 93 -21.42 27.41 -47.31
CA ALA A 93 -21.95 26.06 -47.59
C ALA A 93 -22.20 25.38 -46.24
N THR A 94 -23.44 24.96 -46.02
CA THR A 94 -23.85 24.24 -44.80
C THR A 94 -23.20 22.85 -44.72
N LEU A 95 -22.62 22.49 -43.57
CA LEU A 95 -22.13 21.11 -43.35
C LEU A 95 -23.35 20.22 -43.19
N VAL A 96 -23.37 19.10 -43.90
CA VAL A 96 -24.51 18.17 -43.83
C VAL A 96 -23.99 16.76 -43.73
N VAL A 97 -24.83 15.83 -43.30
CA VAL A 97 -24.53 14.38 -43.49
C VAL A 97 -25.09 13.93 -44.82
N HIS A 98 -24.42 12.95 -45.45
CA HIS A 98 -24.85 12.41 -46.76
C HIS A 98 -24.18 11.03 -46.91
N SER A 99 -24.93 10.05 -47.37
CA SER A 99 -24.55 8.63 -47.52
C SER A 99 -23.88 8.51 -48.88
N SER A 100 -22.82 9.22 -49.05
CA SER A 100 -21.94 9.20 -50.24
C SER A 100 -20.51 9.39 -49.70
N PRO A 101 -19.54 8.73 -50.36
CA PRO A 101 -18.14 8.80 -49.98
C PRO A 101 -17.67 10.26 -50.12
N GLY A 102 -16.73 10.61 -49.29
CA GLY A 102 -16.03 11.90 -49.36
C GLY A 102 -15.16 12.00 -50.60
N ARG A 103 -14.87 13.22 -51.03
CA ARG A 103 -13.95 13.50 -52.15
C ARG A 103 -12.91 14.53 -51.67
N PRO A 104 -11.86 14.83 -52.47
CA PRO A 104 -10.97 15.93 -52.14
C PRO A 104 -11.75 17.22 -51.87
N GLU A 105 -12.75 17.52 -52.69
CA GLU A 105 -13.54 18.77 -52.55
C GLU A 105 -14.47 18.72 -51.30
N THR A 106 -14.47 17.69 -50.48
CA THR A 106 -15.27 17.61 -49.23
C THR A 106 -14.36 17.40 -48.03
N MET A 107 -13.04 17.28 -48.18
CA MET A 107 -12.14 16.89 -47.10
C MET A 107 -12.39 17.75 -45.87
N ILE A 108 -12.31 17.11 -44.72
CA ILE A 108 -12.45 17.90 -43.47
C ILE A 108 -11.57 17.21 -42.43
N GLU A 109 -10.87 18.02 -41.65
CA GLU A 109 -10.09 17.49 -40.53
C GLU A 109 -10.02 18.51 -39.42
N MET A 110 -9.59 18.04 -38.27
CA MET A 110 -9.25 18.93 -37.15
C MET A 110 -7.79 19.32 -37.37
N VAL A 111 -7.49 20.60 -37.26
CA VAL A 111 -6.11 21.12 -37.37
C VAL A 111 -5.77 21.95 -36.14
N GLN A 112 -4.49 22.13 -35.86
CA GLN A 112 -4.02 23.08 -34.83
C GLN A 112 -3.48 24.33 -35.52
N GLU A 113 -4.00 25.48 -35.18
CA GLU A 113 -3.53 26.78 -35.73
C GLU A 113 -3.37 27.68 -34.52
N ASP A 114 -2.17 28.23 -34.33
CA ASP A 114 -1.84 29.14 -33.18
C ASP A 114 -2.28 28.51 -31.85
N GLY A 115 -2.11 27.24 -31.57
CA GLY A 115 -2.42 26.77 -30.19
C GLY A 115 -3.87 26.32 -29.94
N ARG A 116 -4.78 26.46 -30.91
N ARG A 116 -4.77 26.44 -30.92
CA ARG A 116 -6.17 25.94 -30.77
CA ARG A 116 -6.17 25.95 -30.78
C ARG A 116 -6.48 24.94 -31.88
C ARG A 116 -6.48 24.94 -31.88
N THR A 117 -7.58 24.19 -31.75
CA THR A 117 -7.96 23.15 -32.72
C THR A 117 -9.22 23.64 -33.44
N TYR A 118 -9.20 23.56 -34.75
CA TYR A 118 -10.31 24.01 -35.61
C TYR A 118 -10.69 22.88 -36.57
N LEU A 119 -11.90 22.92 -37.09
CA LEU A 119 -12.26 22.05 -38.26
C LEU A 119 -11.99 22.88 -39.51
N ARG A 120 -11.30 22.29 -40.45
CA ARG A 120 -10.90 22.96 -41.71
C ARG A 120 -11.10 22.04 -42.90
N HIS A 121 -11.48 22.63 -44.03
CA HIS A 121 -11.56 21.87 -45.29
C HIS A 121 -10.12 21.76 -45.80
N THR A 122 -9.53 20.56 -45.81
CA THR A 122 -8.12 20.29 -46.21
C THR A 122 -7.85 20.90 -47.59
N ASP A 123 -6.70 21.59 -47.73
CA ASP A 123 -6.19 22.20 -48.96
C ASP A 123 -7.01 23.43 -49.28
N SER A 124 -7.59 24.09 -48.27
CA SER A 124 -8.28 25.36 -48.43
C SER A 124 -8.08 26.25 -47.21
N ASP A 125 -8.48 27.52 -47.30
CA ASP A 125 -8.58 28.43 -46.13
C ASP A 125 -10.03 28.46 -45.61
N TYR A 126 -10.87 27.49 -45.95
CA TYR A 126 -12.24 27.44 -45.39
C TYR A 126 -12.22 26.63 -44.10
N TYR A 127 -12.77 27.18 -43.06
CA TYR A 127 -12.92 26.52 -41.76
C TYR A 127 -14.40 26.43 -41.40
N VAL A 128 -14.71 25.71 -40.32
CA VAL A 128 -16.10 25.50 -39.91
C VAL A 128 -16.45 26.60 -38.90
N HIS A 129 -17.47 27.37 -39.24
CA HIS A 129 -18.06 28.46 -38.43
C HIS A 129 -19.54 28.13 -38.13
N PRO A 130 -20.06 28.58 -36.99
CA PRO A 130 -21.49 28.67 -36.77
C PRO A 130 -21.98 29.74 -37.76
N HIS A 131 -23.04 29.45 -38.48
CA HIS A 131 -23.67 30.44 -39.37
C HIS A 131 -24.01 31.70 -38.53
N GLY A 132 -23.60 32.87 -38.98
CA GLY A 132 -23.84 34.15 -38.23
C GLY A 132 -22.60 34.55 -37.49
N GLY A 133 -21.75 33.56 -37.16
CA GLY A 133 -20.42 33.80 -36.58
C GLY A 133 -20.41 34.26 -35.13
N SER A 134 -21.50 34.07 -34.39
CA SER A 134 -21.58 34.29 -32.93
C SER A 134 -20.54 33.46 -32.18
N PRO A 135 -19.90 34.06 -31.17
CA PRO A 135 -18.94 33.31 -30.35
C PRO A 135 -19.74 32.39 -29.43
N ASN A 136 -21.03 32.72 -29.19
CA ASN A 136 -21.84 31.88 -28.28
C ASN A 136 -23.17 31.54 -28.94
N PRO A 137 -23.19 30.79 -30.07
CA PRO A 137 -24.42 30.59 -30.82
C PRO A 137 -25.47 29.80 -30.01
N GLY A 138 -26.73 29.98 -30.38
CA GLY A 138 -27.85 29.30 -29.71
C GLY A 138 -28.04 27.92 -30.28
N ASP A 139 -28.86 27.12 -29.62
CA ASP A 139 -29.13 25.73 -30.06
C ASP A 139 -29.66 25.81 -31.50
N ASN A 140 -29.36 24.76 -32.26
CA ASN A 140 -29.78 24.53 -33.64
C ASN A 140 -29.14 25.53 -34.58
N THR A 141 -28.09 26.24 -34.19
CA THR A 141 -27.32 27.06 -35.14
C THR A 141 -26.57 26.13 -36.06
N ARG A 142 -26.75 26.28 -37.36
N ARG A 142 -26.73 26.28 -37.36
CA ARG A 142 -26.09 25.37 -38.34
CA ARG A 142 -26.09 25.37 -38.34
C ARG A 142 -24.59 25.71 -38.47
C ARG A 142 -24.59 25.71 -38.47
N LEU A 143 -23.80 24.71 -38.84
CA LEU A 143 -22.34 24.86 -39.10
C LEU A 143 -22.19 25.05 -40.60
N VAL A 144 -21.33 25.98 -40.98
CA VAL A 144 -21.06 26.33 -42.40
C VAL A 144 -19.56 26.44 -42.63
N TYR A 145 -19.15 26.26 -43.86
CA TYR A 145 -17.78 26.60 -44.25
C TYR A 145 -17.74 28.12 -44.47
N TYR A 146 -16.63 28.73 -44.11
CA TYR A 146 -16.36 30.16 -44.32
C TYR A 146 -14.86 30.33 -44.23
N SER A 147 -14.37 31.29 -45.00
CA SER A 147 -12.94 31.59 -45.11
C SER A 147 -12.39 32.09 -43.79
N GLY A 148 -11.22 31.60 -43.39
CA GLY A 148 -10.50 32.18 -42.23
C GLY A 148 -10.91 31.57 -40.90
N TYR A 149 -10.13 31.79 -39.89
CA TYR A 149 -10.46 31.33 -38.51
C TYR A 149 -10.24 32.47 -37.51
N ARG A 150 -10.76 32.26 -36.32
CA ARG A 150 -10.56 33.09 -35.13
C ARG A 150 -10.82 32.23 -33.90
N PRO A 151 -10.35 32.64 -32.71
CA PRO A 151 -10.41 31.77 -31.54
C PRO A 151 -11.82 31.26 -31.19
N SER A 152 -12.88 32.05 -31.34
CA SER A 152 -14.25 31.63 -30.99
C SER A 152 -14.71 30.41 -31.80
N LEU A 153 -14.07 30.08 -32.90
CA LEU A 153 -14.46 28.94 -33.78
C LEU A 153 -13.85 27.62 -33.33
N ALA A 154 -13.04 27.59 -32.27
CA ALA A 154 -12.29 26.35 -31.91
C ALA A 154 -13.23 25.25 -31.46
N PHE A 155 -12.82 24.02 -31.75
CA PHE A 155 -13.53 22.78 -31.34
C PHE A 155 -12.63 21.94 -30.46
N LEU A 156 -13.25 21.14 -29.62
CA LEU A 156 -12.64 20.13 -28.73
C LEU A 156 -13.18 18.77 -29.15
N ALA A 157 -12.33 17.87 -29.62
CA ALA A 157 -12.72 16.47 -29.83
C ALA A 157 -12.53 15.70 -28.53
N ILE A 158 -13.65 15.31 -27.90
CA ILE A 158 -13.69 14.66 -26.58
C ILE A 158 -13.77 13.18 -26.88
N PRO A 159 -12.84 12.32 -26.41
CA PRO A 159 -12.88 10.89 -26.72
C PRO A 159 -14.19 10.25 -26.23
N ALA A 160 -14.79 9.41 -27.07
CA ALA A 160 -16.15 8.85 -26.85
C ALA A 160 -16.14 7.30 -26.80
N GLU A 161 -14.98 6.70 -26.67
CA GLU A 161 -14.86 5.26 -26.41
C GLU A 161 -13.58 5.02 -25.61
N THR A 162 -13.48 3.83 -25.07
CA THR A 162 -12.37 3.45 -24.17
C THR A 162 -11.44 2.54 -24.91
N LEU A 163 -10.17 2.89 -25.04
CA LEU A 163 -9.19 2.10 -25.80
C LEU A 163 -8.34 1.24 -24.82
N PHE A 164 -7.67 0.25 -25.36
CA PHE A 164 -6.66 -0.57 -24.63
C PHE A 164 -5.25 -0.08 -24.95
N VAL A 165 -4.37 -0.08 -23.96
CA VAL A 165 -2.96 0.27 -24.20
C VAL A 165 -2.22 -1.04 -24.40
N ASP A 166 -1.80 -1.32 -25.60
CA ASP A 166 -1.08 -2.58 -25.90
C ASP A 166 0.39 -2.45 -25.52
N ARG A 167 1.06 -1.36 -25.87
CA ARG A 167 2.49 -1.25 -25.57
C ARG A 167 2.92 0.20 -25.75
N ILE A 168 4.03 0.53 -25.13
CA ILE A 168 4.70 1.82 -25.35
C ILE A 168 6.13 1.53 -25.73
N GLU A 169 6.49 1.93 -26.95
CA GLU A 169 7.82 1.70 -27.53
C GLU A 169 8.59 3.01 -27.52
N ILE A 170 9.65 3.06 -26.74
CA ILE A 170 10.51 4.27 -26.72
C ILE A 170 11.33 4.38 -28.03
N HIS A 171 11.65 5.60 -28.40
CA HIS A 171 12.53 5.86 -29.56
C HIS A 171 13.96 5.77 -28.97
N GLN A 172 14.62 4.61 -29.06
CA GLN A 172 15.93 4.31 -28.40
C GLN A 172 17.02 5.37 -28.73
N ALA A 173 17.13 5.83 -29.97
CA ALA A 173 18.07 6.88 -30.45
C ALA A 173 17.86 8.23 -29.75
N GLN A 174 16.66 8.54 -29.24
CA GLN A 174 16.40 9.83 -28.55
C GLN A 174 16.38 9.67 -27.04
N ALA A 175 16.52 8.49 -26.47
CA ALA A 175 16.50 8.25 -25.02
C ALA A 175 17.75 8.79 -24.30
N LEU A 176 17.55 9.60 -23.26
CA LEU A 176 18.60 10.18 -22.40
C LEU A 176 18.55 9.54 -21.02
N GLU A 177 19.71 9.11 -20.53
CA GLU A 177 19.89 8.40 -19.26
C GLU A 177 20.95 9.14 -18.48
N SER A 178 20.61 9.48 -17.25
N SER A 178 20.61 9.51 -17.26
CA SER A 178 21.57 10.03 -16.27
CA SER A 178 21.55 10.06 -16.25
C SER A 178 21.65 9.05 -15.12
C SER A 178 21.65 9.03 -15.12
N ILE A 179 22.85 8.55 -14.85
CA ILE A 179 23.09 7.55 -13.77
C ILE A 179 23.60 8.25 -12.53
N ASN A 180 23.11 7.83 -11.37
CA ASN A 180 23.68 8.27 -10.08
C ASN A 180 23.74 7.14 -9.10
N THR A 181 24.63 7.29 -8.15
CA THR A 181 24.76 6.31 -7.05
C THR A 181 24.16 6.95 -5.80
N ILE A 182 23.23 6.24 -5.17
CA ILE A 182 22.73 6.57 -3.81
C ILE A 182 23.49 5.64 -2.87
N THR A 183 24.22 6.26 -1.95
CA THR A 183 25.09 5.51 -1.03
C THR A 183 24.49 5.57 0.36
N SER A 184 24.33 4.42 1.04
CA SER A 184 23.76 4.39 2.43
C SER A 184 24.65 3.54 3.36
N LEU A 185 24.68 3.90 4.65
CA LEU A 185 25.46 3.18 5.72
C LEU A 185 24.55 2.66 6.82
N SER A 186 24.81 1.43 7.29
CA SER A 186 24.11 0.83 8.44
C SER A 186 24.59 1.51 9.74
N ASP A 187 23.87 1.26 10.84
CA ASP A 187 24.39 1.36 12.23
C ASP A 187 25.75 0.65 12.35
N GLU A 188 26.66 1.10 13.22
CA GLU A 188 27.96 0.39 13.44
C GLU A 188 27.75 -0.85 14.31
N HIS A 189 28.42 -1.97 14.00
CA HIS A 189 28.42 -3.20 14.83
C HIS A 189 29.86 -3.49 15.30
N ARG A 190 30.06 -3.64 16.63
CA ARG A 190 31.38 -3.96 17.25
C ARG A 190 31.33 -5.41 17.76
N ASN A 191 32.39 -6.19 17.52
CA ASN A 191 32.62 -7.53 18.10
C ASN A 191 33.58 -7.35 19.30
N ASP A 192 33.07 -7.06 20.49
CA ASP A 192 33.95 -6.85 21.66
C ASP A 192 34.41 -8.19 22.28
N THR A 193 34.50 -9.30 21.52
CA THR A 193 35.06 -10.59 21.99
C THR A 193 36.44 -10.79 21.31
N ASP A 194 37.15 -11.86 21.71
CA ASP A 194 38.51 -12.21 21.19
C ASP A 194 38.37 -13.28 20.10
N GLN A 195 37.14 -13.57 19.60
CA GLN A 195 36.92 -14.56 18.52
C GLN A 195 36.05 -13.89 17.43
N PRO A 196 36.29 -14.21 16.13
CA PRO A 196 35.39 -13.78 15.03
C PRO A 196 33.95 -14.23 15.31
N VAL A 197 32.96 -13.42 14.89
CA VAL A 197 31.52 -13.61 15.23
C VAL A 197 30.71 -13.30 13.95
N GLN A 198 29.94 -14.29 13.44
CA GLN A 198 28.67 -14.15 12.64
C GLN A 198 27.72 -13.16 13.36
N THR A 199 27.33 -12.06 12.70
CA THR A 199 26.35 -11.03 13.19
C THR A 199 25.40 -10.72 12.00
N SER A 200 24.16 -10.26 12.27
CA SER A 200 23.17 -9.84 11.23
C SER A 200 23.06 -8.33 11.33
N ILE A 201 23.47 -7.63 10.26
CA ILE A 201 23.32 -6.16 10.13
C ILE A 201 22.17 -5.84 9.17
N SER A 202 21.23 -5.04 9.63
CA SER A 202 19.95 -4.77 8.94
C SER A 202 19.89 -3.30 8.63
N VAL A 203 19.29 -2.92 7.50
CA VAL A 203 19.06 -1.49 7.18
C VAL A 203 17.84 -1.40 6.28
N ALA A 204 17.11 -0.29 6.46
CA ALA A 204 15.82 0.05 5.82
C ALA A 204 16.03 1.33 5.00
N LEU A 205 15.65 1.31 3.72
CA LEU A 205 16.03 2.41 2.77
C LEU A 205 14.85 2.82 1.89
N GLU A 206 13.60 2.48 2.24
CA GLU A 206 12.37 2.80 1.43
C GLU A 206 12.41 4.23 0.86
N GLU A 207 12.61 5.21 1.75
CA GLU A 207 12.55 6.67 1.51
C GLU A 207 13.59 7.12 0.45
N SER A 208 14.81 6.59 0.47
N SER A 208 14.81 6.58 0.48
CA SER A 208 15.92 7.07 -0.38
CA SER A 208 15.94 7.03 -0.38
C SER A 208 15.96 6.34 -1.75
C SER A 208 15.88 6.38 -1.78
N LEU A 209 15.24 5.22 -1.92
CA LEU A 209 15.28 4.44 -3.19
C LEU A 209 13.92 4.46 -3.90
N GLN A 210 13.23 5.57 -3.81
CA GLN A 210 11.86 5.64 -4.34
C GLN A 210 11.91 5.72 -5.89
N ASP A 211 11.21 4.82 -6.59
CA ASP A 211 11.16 4.83 -8.06
C ASP A 211 9.99 5.72 -8.51
N SER A 212 10.04 6.28 -9.71
CA SER A 212 8.87 7.04 -10.23
C SER A 212 8.86 6.98 -11.76
N ALA A 213 7.70 7.28 -12.36
CA ALA A 213 7.58 7.25 -13.81
C ALA A 213 6.32 8.00 -14.18
N GLN A 214 6.32 8.54 -15.38
CA GLN A 214 5.18 9.35 -15.86
C GLN A 214 5.24 9.36 -17.37
N LEU A 215 4.10 9.49 -18.02
CA LEU A 215 3.92 9.85 -19.44
C LEU A 215 3.55 11.34 -19.51
N SER A 216 4.09 12.09 -20.44
CA SER A 216 3.72 13.53 -20.56
C SER A 216 3.42 13.81 -22.03
N PHE A 217 2.56 14.80 -22.30
CA PHE A 217 1.95 15.08 -23.63
C PHE A 217 2.05 16.56 -23.94
N GLU A 218 2.14 16.92 -25.21
CA GLU A 218 2.24 18.36 -25.61
C GLU A 218 0.90 19.01 -25.25
N ARG A 219 -0.21 18.48 -25.76
CA ARG A 219 -1.56 19.06 -25.46
C ARG A 219 -2.14 18.39 -24.20
N CYS A 220 -2.83 17.26 -24.35
CA CYS A 220 -3.29 16.35 -23.26
C CYS A 220 -3.25 14.98 -23.92
N PHE A 221 -3.31 13.93 -23.13
CA PHE A 221 -3.31 12.55 -23.67
C PHE A 221 -4.41 12.47 -24.74
N GLY A 222 -5.67 12.78 -24.39
CA GLY A 222 -6.70 12.93 -25.41
C GLY A 222 -7.49 11.66 -25.65
N LEU A 223 -7.14 10.57 -24.99
CA LEU A 223 -7.82 9.25 -25.20
C LEU A 223 -8.23 8.66 -23.87
N LYS A 224 -9.32 7.91 -23.85
CA LYS A 224 -9.85 7.28 -22.61
C LYS A 224 -9.30 5.87 -22.60
N VAL A 225 -8.69 5.40 -21.53
CA VAL A 225 -8.19 3.98 -21.43
C VAL A 225 -8.63 3.40 -20.10
N GLY A 226 -9.47 4.10 -19.34
CA GLY A 226 -9.89 3.51 -18.05
C GLY A 226 -8.92 3.92 -16.96
N SER A 227 -9.17 3.41 -15.77
CA SER A 227 -8.74 4.10 -14.53
C SER A 227 -7.32 3.67 -14.27
N GLU A 228 -6.92 2.46 -14.75
CA GLU A 228 -5.57 1.89 -14.48
C GLU A 228 -5.21 1.07 -15.73
N PHE A 229 -3.97 1.16 -16.21
CA PHE A 229 -3.42 0.23 -17.22
C PHE A 229 -1.94 -0.01 -16.86
N GLU A 230 -1.41 -1.11 -17.36
CA GLU A 230 -0.05 -1.51 -17.00
C GLU A 230 0.69 -1.88 -18.26
N VAL A 231 1.93 -1.42 -18.40
CA VAL A 231 2.80 -1.83 -19.51
C VAL A 231 4.22 -1.96 -19.00
N GLY A 232 5.00 -2.71 -19.74
CA GLY A 232 6.46 -2.73 -19.59
C GLY A 232 7.16 -1.56 -20.26
N LEU A 233 8.07 -0.93 -19.54
CA LEU A 233 8.90 0.18 -20.04
C LEU A 233 10.37 -0.11 -19.77
N PRO A 234 11.26 0.34 -20.65
CA PRO A 234 12.70 0.17 -20.45
C PRO A 234 13.25 1.29 -19.53
N LEU A 235 13.25 1.08 -18.23
CA LEU A 235 13.57 2.18 -17.25
C LEU A 235 15.09 2.34 -17.13
N VAL A 236 15.86 1.33 -17.55
CA VAL A 236 17.33 1.38 -17.54
C VAL A 236 17.77 0.54 -18.72
N GLY A 237 18.52 1.14 -19.66
CA GLY A 237 18.92 0.48 -20.94
C GLY A 237 17.68 -0.09 -21.62
N LYS A 238 17.68 -1.41 -21.90
CA LYS A 238 16.57 -2.15 -22.55
C LYS A 238 15.75 -2.93 -21.50
N THR A 239 16.14 -2.90 -20.23
CA THR A 239 15.50 -3.69 -19.15
C THR A 239 14.07 -3.19 -18.91
N LYS A 240 13.10 -4.09 -19.03
CA LYS A 240 11.65 -3.82 -18.91
C LYS A 240 11.20 -3.87 -17.45
N VAL A 241 10.45 -2.86 -17.08
CA VAL A 241 9.87 -2.84 -15.70
C VAL A 241 8.40 -2.50 -15.91
N SER A 242 7.54 -3.18 -15.18
N SER A 242 7.52 -3.20 -15.20
CA SER A 242 6.08 -2.96 -15.31
CA SER A 242 6.06 -2.98 -15.30
C SER A 242 5.72 -1.69 -14.51
C SER A 242 5.72 -1.71 -14.52
N VAL A 243 4.96 -0.80 -15.14
CA VAL A 243 4.48 0.45 -14.53
C VAL A 243 2.96 0.49 -14.71
N GLN A 244 2.21 0.78 -13.65
CA GLN A 244 0.77 0.96 -13.78
C GLN A 244 0.48 2.48 -13.76
N PHE A 245 -0.28 2.93 -14.74
CA PHE A 245 -0.60 4.34 -14.95
C PHE A 245 -2.07 4.59 -14.66
N SER A 246 -2.34 5.72 -14.04
CA SER A 246 -3.74 6.11 -13.75
C SER A 246 -3.85 7.58 -14.10
N GLY A 247 -4.75 7.90 -15.01
CA GLY A 247 -4.87 9.27 -15.47
C GLY A 247 -6.20 9.41 -16.18
N SER A 248 -6.39 10.50 -16.88
N SER A 248 -6.38 10.52 -16.86
CA SER A 248 -7.65 10.92 -17.53
CA SER A 248 -7.64 10.97 -17.50
C SER A 248 -7.25 11.43 -18.90
C SER A 248 -7.24 11.45 -18.90
N TRP A 249 -8.19 11.51 -19.84
CA TRP A 249 -7.85 11.97 -21.19
C TRP A 249 -7.35 13.41 -21.12
N LYS A 250 -7.83 14.13 -20.11
CA LYS A 250 -7.57 15.59 -20.03
C LYS A 250 -6.17 15.89 -19.46
N SER A 251 -5.47 14.85 -18.96
CA SER A 251 -4.16 15.11 -18.30
C SER A 251 -3.04 15.22 -19.35
N SER A 252 -2.11 16.15 -19.10
N SER A 252 -2.12 16.14 -19.09
CA SER A 252 -0.86 16.29 -19.87
CA SER A 252 -0.86 16.32 -19.85
C SER A 252 0.27 15.55 -19.15
C SER A 252 0.27 15.56 -19.14
N THR A 253 0.05 15.15 -17.90
CA THR A 253 0.99 14.30 -17.13
C THR A 253 0.28 13.14 -16.48
N ILE A 254 0.62 11.90 -16.87
CA ILE A 254 -0.06 10.72 -16.29
C ILE A 254 0.92 9.98 -15.38
N LYS A 255 0.63 9.95 -14.10
CA LYS A 255 1.61 9.44 -13.10
C LYS A 255 1.58 7.91 -13.12
N GLY A 256 2.75 7.27 -13.03
CA GLY A 256 2.79 5.83 -12.95
C GLY A 256 3.24 5.33 -11.62
N GLU A 257 2.99 4.07 -11.35
CA GLU A 257 3.55 3.42 -10.11
C GLU A 257 4.45 2.31 -10.63
N VAL A 258 5.75 2.35 -10.31
CA VAL A 258 6.69 1.29 -10.76
C VAL A 258 6.40 0.07 -9.90
N ARG A 259 6.14 -1.08 -10.51
CA ARG A 259 5.42 -2.15 -9.79
C ARG A 259 6.43 -3.12 -9.18
N THR A 260 7.64 -3.21 -9.71
CA THR A 260 8.67 -4.15 -9.19
C THR A 260 10.00 -3.41 -8.98
N SER A 261 10.90 -4.00 -8.18
CA SER A 261 12.26 -3.47 -7.98
C SER A 261 13.31 -4.58 -8.09
N ALA A 262 14.44 -4.29 -8.75
CA ALA A 262 15.62 -5.19 -8.86
C ALA A 262 16.46 -5.06 -7.58
N VAL A 263 16.14 -4.09 -6.73
CA VAL A 263 16.96 -3.77 -5.54
C VAL A 263 16.18 -4.03 -4.25
N LYS A 264 16.88 -3.98 -3.12
CA LYS A 264 16.30 -4.20 -1.76
C LYS A 264 16.14 -2.85 -1.08
N VAL A 265 15.08 -2.63 -0.33
CA VAL A 265 14.93 -1.45 0.58
C VAL A 265 15.05 -1.89 2.05
N GLN A 266 14.86 -3.19 2.31
CA GLN A 266 15.22 -3.85 3.61
C GLN A 266 16.39 -4.82 3.38
N ILE A 267 17.58 -4.48 3.85
CA ILE A 267 18.79 -5.35 3.68
C ILE A 267 19.08 -6.00 5.03
N ASN A 268 19.42 -7.28 5.01
CA ASN A 268 19.86 -8.08 6.18
C ASN A 268 21.06 -8.91 5.75
N GLU A 269 22.26 -8.50 6.15
CA GLU A 269 23.55 -9.10 5.71
C GLU A 269 24.16 -9.82 6.94
N HIS A 270 24.54 -11.11 6.75
CA HIS A 270 25.34 -11.98 7.67
C HIS A 270 26.83 -11.60 7.49
N VAL A 271 27.42 -10.98 8.51
CA VAL A 271 28.78 -10.36 8.47
C VAL A 271 29.64 -11.22 9.41
N THR A 272 30.88 -11.60 9.04
CA THR A 272 31.90 -12.14 10.00
C THR A 272 32.71 -10.93 10.52
N ILE A 273 32.48 -10.49 11.79
CA ILE A 273 33.20 -9.35 12.43
C ILE A 273 34.43 -9.89 13.17
N PRO A 274 35.65 -9.47 12.75
CA PRO A 274 36.89 -9.88 13.43
C PRO A 274 36.91 -9.49 14.90
N PRO A 275 37.79 -10.12 15.72
CA PRO A 275 37.88 -9.82 17.13
C PRO A 275 38.17 -8.33 17.29
N GLY A 276 37.43 -7.68 18.19
CA GLY A 276 37.69 -6.31 18.63
C GLY A 276 37.55 -5.30 17.52
N LYS A 277 36.86 -5.66 16.42
CA LYS A 277 36.62 -4.75 15.28
C LYS A 277 35.20 -4.20 15.35
N CYS A 278 35.07 -3.03 14.75
CA CYS A 278 33.79 -2.32 14.46
C CYS A 278 33.61 -2.19 12.93
N VAL A 279 32.44 -2.58 12.43
CA VAL A 279 32.14 -2.52 10.96
C VAL A 279 30.73 -1.94 10.74
N GLN A 280 30.47 -1.54 9.50
CA GLN A 280 29.08 -1.21 9.07
C GLN A 280 28.92 -1.77 7.69
N ILE A 281 27.68 -1.86 7.22
CA ILE A 281 27.50 -2.20 5.78
C ILE A 281 27.28 -0.89 5.03
N ARG A 282 27.98 -0.76 3.90
CA ARG A 282 27.72 0.28 2.87
C ARG A 282 26.94 -0.35 1.72
N ILE A 283 25.83 0.32 1.39
CA ILE A 283 24.90 -0.01 0.27
C ILE A 283 25.09 1.08 -0.79
N ASP A 284 25.52 0.66 -1.96
CA ASP A 284 25.53 1.54 -3.15
C ASP A 284 24.39 1.09 -4.03
N THR A 285 23.47 1.98 -4.32
CA THR A 285 22.33 1.69 -5.22
C THR A 285 22.42 2.65 -6.42
N ARG A 286 22.45 2.10 -7.59
CA ARG A 286 22.50 2.88 -8.86
C ARG A 286 21.08 3.33 -9.24
N ARG A 287 20.91 4.55 -9.70
CA ARG A 287 19.60 5.22 -10.04
C ARG A 287 19.75 5.65 -11.52
N CYS A 288 18.80 5.29 -12.37
CA CYS A 288 18.77 5.76 -13.77
C CYS A 288 17.61 6.75 -13.90
N THR A 289 17.89 8.01 -14.17
CA THR A 289 16.87 9.02 -14.50
C THR A 289 16.82 9.14 -16.02
N LYS A 290 15.64 8.85 -16.58
CA LYS A 290 15.54 8.64 -18.04
C LYS A 290 14.46 9.54 -18.59
N THR A 291 14.69 10.14 -19.75
N THR A 291 14.70 10.14 -19.74
CA THR A 291 13.63 10.76 -20.57
CA THR A 291 13.65 10.77 -20.57
C THR A 291 13.69 10.16 -21.95
C THR A 291 13.70 10.15 -21.96
N ALA A 292 12.56 9.71 -22.47
CA ALA A 292 12.53 9.06 -23.77
C ALA A 292 11.23 9.41 -24.47
N PRO A 293 11.31 10.04 -25.63
CA PRO A 293 10.16 10.11 -26.53
C PRO A 293 9.75 8.67 -26.84
N ALA A 294 8.46 8.43 -26.95
CA ALA A 294 7.90 7.08 -27.20
C ALA A 294 6.62 7.15 -28.03
N THR A 295 6.24 6.01 -28.59
CA THR A 295 4.97 5.85 -29.33
C THR A 295 4.11 4.88 -28.50
N MET A 296 2.90 5.32 -28.14
CA MET A 296 1.87 4.46 -27.53
C MET A 296 1.10 3.75 -28.63
N TYR A 297 0.91 2.43 -28.46
CA TYR A 297 0.15 1.53 -29.34
C TYR A 297 -1.12 1.21 -28.60
N LEU A 298 -2.23 1.72 -29.16
CA LEU A 298 -3.56 1.55 -28.55
C LEU A 298 -4.47 0.83 -29.51
N ARG A 299 -5.59 0.38 -28.96
CA ARG A 299 -6.49 -0.44 -29.75
C ARG A 299 -7.93 -0.23 -29.29
N THR A 300 -8.83 -0.07 -30.27
CA THR A 300 -10.27 0.07 -30.04
C THR A 300 -10.85 -1.31 -29.77
N ALA A 301 -12.02 -1.37 -29.17
CA ALA A 301 -12.71 -2.66 -28.95
C ALA A 301 -12.90 -3.37 -30.29
N SER A 302 -13.10 -2.61 -31.36
CA SER A 302 -13.43 -3.05 -32.73
C SER A 302 -12.14 -3.55 -33.39
N GLY A 303 -10.96 -3.52 -32.72
CA GLY A 303 -9.70 -4.06 -33.25
C GLY A 303 -8.86 -3.07 -34.07
N ILE A 304 -9.23 -1.79 -34.13
CA ILE A 304 -8.49 -0.73 -34.88
C ILE A 304 -7.31 -0.30 -34.01
N GLU A 305 -6.14 -0.19 -34.61
CA GLU A 305 -4.86 0.06 -33.90
C GLU A 305 -4.51 1.48 -34.22
N VAL A 306 -4.36 2.27 -33.18
CA VAL A 306 -3.99 3.69 -33.29
C VAL A 306 -2.75 3.99 -32.44
N GLN A 307 -2.16 5.15 -32.67
CA GLN A 307 -0.87 5.51 -32.04
C GLN A 307 -1.00 6.90 -31.44
N ARG A 308 -0.31 7.15 -30.34
CA ARG A 308 -0.18 8.46 -29.70
C ARG A 308 1.26 8.61 -29.26
N GLU A 309 1.91 9.70 -29.64
CA GLU A 309 3.28 10.02 -29.18
C GLU A 309 3.18 10.46 -27.72
N THR A 310 4.23 10.21 -26.93
CA THR A 310 4.37 10.64 -25.54
C THR A 310 5.86 10.80 -25.26
N THR A 311 6.11 11.17 -24.01
CA THR A 311 7.43 11.19 -23.42
C THR A 311 7.34 10.40 -22.12
N VAL A 312 8.23 9.46 -21.94
CA VAL A 312 8.36 8.70 -20.68
C VAL A 312 9.51 9.32 -19.85
N THR A 313 9.21 9.77 -18.64
CA THR A 313 10.20 10.24 -17.68
C THR A 313 10.18 9.32 -16.45
N SER A 314 11.34 8.89 -15.98
CA SER A 314 11.37 7.88 -14.91
C SER A 314 12.65 8.00 -14.08
N THR A 315 12.53 7.53 -12.86
CA THR A 315 13.66 7.30 -11.93
C THR A 315 13.52 5.88 -11.42
N TYR A 316 14.56 5.07 -11.63
CA TYR A 316 14.52 3.62 -11.29
C TYR A 316 15.86 3.20 -10.67
N HIS A 317 15.79 2.49 -9.55
CA HIS A 317 16.96 1.94 -8.83
C HIS A 317 17.15 0.52 -9.34
N TYR A 318 18.31 0.19 -9.88
CA TYR A 318 18.37 -1.01 -10.79
C TYR A 318 19.44 -2.02 -10.50
N ASP A 319 20.43 -1.58 -9.73
CA ASP A 319 21.55 -2.46 -9.36
C ASP A 319 21.93 -1.88 -8.03
N GLN A 320 22.44 -2.74 -7.19
CA GLN A 320 22.69 -2.42 -5.77
C GLN A 320 23.84 -3.32 -5.32
N GLU A 321 24.71 -2.80 -4.47
CA GLU A 321 25.88 -3.57 -3.98
C GLU A 321 25.92 -3.34 -2.47
N VAL A 322 26.46 -4.35 -1.76
CA VAL A 322 26.56 -4.35 -0.28
C VAL A 322 28.01 -4.67 0.12
N HIS A 323 28.66 -3.79 0.89
CA HIS A 323 30.07 -3.98 1.30
C HIS A 323 30.12 -3.81 2.82
N VAL A 324 30.93 -4.67 3.47
CA VAL A 324 31.29 -4.57 4.89
C VAL A 324 32.51 -3.65 4.94
N VAL A 325 32.41 -2.56 5.70
CA VAL A 325 33.47 -1.55 5.75
C VAL A 325 33.89 -1.34 7.20
N PRO A 326 35.17 -1.04 7.50
CA PRO A 326 35.59 -0.69 8.85
C PRO A 326 34.97 0.65 9.26
N VAL A 327 34.72 0.80 10.57
CA VAL A 327 34.47 2.13 11.21
C VAL A 327 35.84 2.67 11.67
N THR B 4 3.47 3.56 26.45
CA THR B 4 4.86 3.71 27.07
C THR B 4 5.05 2.62 28.16
N PHE B 5 6.10 1.82 28.06
CA PHE B 5 6.28 0.60 28.91
C PHE B 5 6.57 1.01 30.36
N GLU B 6 5.84 0.52 31.37
CA GLU B 6 6.04 0.76 32.84
C GLU B 6 6.49 -0.58 33.45
N PRO B 7 7.83 -0.88 33.60
CA PRO B 7 8.33 -2.19 34.09
C PRO B 7 7.62 -2.80 35.33
N ALA B 8 6.78 -2.01 35.99
CA ALA B 8 6.10 -2.29 37.26
C ALA B 8 4.75 -2.99 37.04
N THR B 9 3.79 -2.28 36.38
CA THR B 9 2.47 -2.81 35.94
C THR B 9 2.65 -3.79 34.76
N ASP B 10 3.74 -3.69 33.98
CA ASP B 10 3.78 -4.34 32.64
C ASP B 10 4.71 -5.57 32.61
N SER B 11 5.43 -5.84 33.70
CA SER B 11 6.51 -6.86 33.70
C SER B 11 5.82 -8.19 33.39
N PRO B 12 6.30 -8.93 32.39
CA PRO B 12 5.71 -10.21 32.05
C PRO B 12 6.24 -11.39 32.91
N LEU B 13 5.39 -12.35 33.24
CA LEU B 13 5.85 -13.66 33.80
C LEU B 13 6.61 -14.44 32.75
N PRO B 14 7.75 -15.03 33.11
CA PRO B 14 8.57 -15.71 32.11
C PRO B 14 7.95 -17.05 31.74
N VAL B 15 8.14 -17.44 30.49
CA VAL B 15 7.67 -18.73 29.91
C VAL B 15 8.81 -19.70 30.10
N PRO B 16 8.58 -20.86 30.72
CA PRO B 16 9.67 -21.83 30.89
C PRO B 16 10.28 -22.33 29.59
N GLY B 17 11.60 -22.46 29.59
CA GLY B 17 12.42 -23.03 28.51
C GLY B 17 12.91 -21.98 27.54
N VAL B 18 12.61 -20.71 27.76
CA VAL B 18 13.00 -19.57 26.89
C VAL B 18 14.10 -18.81 27.66
N GLN B 19 15.01 -18.23 26.90
CA GLN B 19 16.12 -17.42 27.45
C GLN B 19 15.61 -16.06 27.91
N TYR B 20 16.02 -15.64 29.08
CA TYR B 20 15.74 -14.30 29.62
C TYR B 20 16.98 -13.66 30.20
N PHE B 21 17.03 -12.34 30.17
CA PHE B 21 17.84 -11.50 31.06
C PHE B 21 16.99 -11.18 32.29
N LEU B 22 17.62 -11.03 33.46
CA LEU B 22 16.92 -10.64 34.69
C LEU B 22 17.46 -9.26 35.11
N GLN B 23 16.53 -8.31 35.24
CA GLN B 23 16.91 -6.93 35.64
C GLN B 23 16.19 -6.57 36.92
N HIS B 24 16.93 -6.03 37.88
CA HIS B 24 16.42 -5.50 39.14
C HIS B 24 15.84 -4.13 38.78
N VAL B 25 14.54 -3.95 38.87
CA VAL B 25 13.82 -2.83 38.17
C VAL B 25 14.27 -1.55 38.84
N GLN B 26 14.34 -1.54 40.14
CA GLN B 26 14.60 -0.28 40.86
C GLN B 26 15.99 0.32 40.52
N SER B 27 17.04 -0.49 40.44
CA SER B 27 18.44 -0.10 40.17
C SER B 27 18.74 -0.06 38.69
N GLY B 28 18.03 -0.85 37.88
CA GLY B 28 18.36 -1.14 36.48
C GLY B 28 19.49 -2.13 36.33
N LYS B 29 20.04 -2.68 37.41
CA LYS B 29 21.17 -3.58 37.28
C LYS B 29 20.69 -4.99 36.83
N TYR B 30 21.56 -5.74 36.23
CA TYR B 30 21.24 -7.11 35.72
C TYR B 30 21.81 -8.17 36.67
N VAL B 31 21.23 -9.35 36.60
CA VAL B 31 21.67 -10.50 37.39
C VAL B 31 22.73 -11.23 36.56
N HIS B 32 23.92 -11.30 37.11
CA HIS B 32 25.18 -11.87 36.55
C HIS B 32 25.65 -12.91 37.59
N PRO B 33 26.31 -13.99 37.18
CA PRO B 33 27.21 -14.72 38.08
C PRO B 33 28.38 -13.79 38.42
N HIS B 34 28.84 -13.78 39.66
CA HIS B 34 29.97 -12.86 40.00
C HIS B 34 31.15 -13.18 39.10
N GLY B 35 31.75 -12.20 38.51
CA GLY B 35 32.88 -12.40 37.58
C GLY B 35 32.47 -12.53 36.13
N GLY B 36 31.21 -12.77 35.83
CA GLY B 36 30.68 -12.61 34.48
C GLY B 36 31.03 -13.79 33.58
N SER B 37 31.41 -14.93 34.13
CA SER B 37 31.92 -16.06 33.30
C SER B 37 30.75 -16.74 32.56
N ASP B 38 31.01 -17.28 31.38
CA ASP B 38 30.06 -18.20 30.72
C ASP B 38 30.09 -19.55 31.43
N MET B 39 31.11 -19.84 32.22
N MET B 39 31.13 -19.83 32.20
CA MET B 39 31.21 -21.13 32.95
CA MET B 39 31.21 -21.10 32.94
C MET B 39 31.52 -20.82 34.41
C MET B 39 31.52 -20.81 34.40
N PRO B 40 30.54 -20.29 35.16
CA PRO B 40 30.77 -19.94 36.55
C PRO B 40 31.04 -21.19 37.39
N GLY B 41 31.84 -21.01 38.43
CA GLY B 41 32.20 -22.11 39.33
C GLY B 41 31.05 -22.49 40.21
N ASN B 42 31.03 -23.75 40.65
CA ASN B 42 30.09 -24.14 41.74
C ASN B 42 30.21 -23.15 42.89
N ASP B 43 29.07 -22.72 43.44
CA ASP B 43 28.90 -21.81 44.58
C ASP B 43 29.35 -20.39 44.19
N THR B 44 29.47 -20.08 42.92
CA THR B 44 29.62 -18.65 42.48
C THR B 44 28.28 -17.96 42.74
N ALA B 45 28.33 -16.81 43.36
CA ALA B 45 27.17 -15.99 43.71
C ALA B 45 26.55 -15.33 42.51
N LEU B 46 25.25 -15.27 42.49
CA LEU B 46 24.51 -14.34 41.62
C LEU B 46 24.67 -12.95 42.27
N VAL B 47 24.96 -11.96 41.48
CA VAL B 47 25.11 -10.56 41.89
C VAL B 47 24.35 -9.65 40.92
N LEU B 48 24.17 -8.42 41.36
CA LEU B 48 23.63 -7.35 40.47
C LEU B 48 24.82 -6.60 39.90
N HIS B 49 24.75 -6.21 38.63
CA HIS B 49 25.81 -5.42 37.97
C HIS B 49 25.18 -4.61 36.85
N HIS B 50 25.64 -3.36 36.70
CA HIS B 50 25.06 -2.45 35.72
C HIS B 50 25.38 -2.90 34.29
N GLY B 51 26.45 -3.65 34.11
CA GLY B 51 26.95 -4.13 32.81
C GLY B 51 25.88 -4.90 32.06
N PHE B 52 25.68 -4.56 30.79
CA PHE B 52 24.69 -5.24 29.92
C PHE B 52 25.14 -5.23 28.46
N ASP B 53 25.09 -6.39 27.87
CA ASP B 53 25.37 -6.56 26.44
C ASP B 53 24.53 -7.72 26.00
N GLU B 54 23.62 -7.47 25.06
CA GLU B 54 22.63 -8.43 24.49
C GLU B 54 23.35 -9.69 24.01
N LYS B 55 24.60 -9.58 23.57
CA LYS B 55 25.29 -10.73 22.93
C LYS B 55 25.98 -11.54 24.05
N ARG B 56 26.00 -11.07 25.30
CA ARG B 56 26.69 -11.83 26.40
C ARG B 56 25.85 -12.99 26.93
N ASP B 57 26.13 -14.23 26.46
CA ASP B 57 25.38 -15.43 26.91
C ASP B 57 25.49 -15.66 28.42
N ALA B 58 26.55 -15.18 29.08
CA ALA B 58 26.69 -15.32 30.55
C ALA B 58 25.55 -14.64 31.28
N LEU B 59 24.81 -13.75 30.62
CA LEU B 59 23.75 -12.95 31.28
C LEU B 59 22.40 -13.64 31.13
N ARG B 60 22.33 -14.74 30.43
CA ARG B 60 21.06 -15.40 30.10
C ARG B 60 20.68 -16.44 31.16
N TRP B 61 19.38 -16.52 31.46
CA TRP B 61 18.77 -17.45 32.46
C TRP B 61 17.56 -18.14 31.83
N VAL B 62 17.30 -19.39 32.21
CA VAL B 62 16.11 -20.13 31.71
C VAL B 62 15.35 -20.66 32.91
N PHE B 63 14.07 -20.34 33.03
CA PHE B 63 13.22 -20.93 34.08
C PHE B 63 12.87 -22.35 33.60
N VAL B 64 12.91 -23.29 34.47
CA VAL B 64 12.60 -24.71 34.17
C VAL B 64 11.49 -25.18 35.08
N ASN B 65 10.44 -25.76 34.51
CA ASN B 65 9.34 -26.29 35.34
C ASN B 65 9.00 -27.69 34.82
N ASP B 66 9.87 -28.64 35.07
CA ASP B 66 9.73 -30.08 34.69
C ASP B 66 8.62 -30.61 35.60
N ALA B 67 7.77 -31.48 35.08
CA ALA B 67 6.64 -32.03 35.84
C ALA B 67 7.13 -32.64 37.17
N GLU B 68 8.29 -33.32 37.20
CA GLU B 68 8.76 -34.00 38.45
C GLU B 68 9.88 -33.20 39.13
N ASN B 69 10.21 -31.98 38.67
CA ASN B 69 11.19 -31.09 39.35
C ASN B 69 10.87 -29.63 39.04
N LYS B 70 9.75 -29.23 39.64
CA LYS B 70 9.11 -27.98 39.33
C LYS B 70 10.04 -26.81 39.77
N HIS B 71 9.90 -25.68 39.08
CA HIS B 71 10.21 -24.34 39.65
C HIS B 71 11.72 -24.31 39.94
N GLN B 72 12.51 -24.33 38.89
CA GLN B 72 13.97 -24.13 39.06
C GLN B 72 14.41 -23.07 38.06
N LEU B 73 15.65 -22.64 38.20
CA LEU B 73 16.23 -21.56 37.38
C LEU B 73 17.63 -22.00 36.96
N LYS B 74 17.89 -21.94 35.66
CA LYS B 74 19.14 -22.48 35.06
C LYS B 74 19.99 -21.34 34.49
N HIS B 75 21.28 -21.29 34.73
CA HIS B 75 22.22 -20.39 34.01
C HIS B 75 22.42 -20.93 32.59
N TYR B 76 21.96 -20.21 31.56
CA TYR B 76 21.88 -20.73 30.17
C TYR B 76 23.23 -21.28 29.71
N SER B 77 24.30 -20.49 29.83
CA SER B 77 25.60 -20.86 29.18
C SER B 77 26.24 -22.05 29.87
N SER B 78 26.07 -22.25 31.20
CA SER B 78 26.79 -23.32 31.93
C SER B 78 25.88 -24.50 32.12
N GLY B 79 24.55 -24.30 32.10
CA GLY B 79 23.63 -25.37 32.50
C GLY B 79 23.52 -25.58 34.00
N LYS B 80 24.14 -24.73 34.82
CA LYS B 80 24.11 -24.88 36.28
C LYS B 80 22.80 -24.27 36.83
N PHE B 81 22.34 -24.76 37.95
CA PHE B 81 21.05 -24.34 38.55
C PHE B 81 21.35 -23.35 39.65
N VAL B 82 20.34 -22.55 39.96
CA VAL B 82 20.43 -21.54 41.03
C VAL B 82 19.98 -22.21 42.34
N HIS B 83 20.87 -22.26 43.30
CA HIS B 83 20.67 -22.84 44.64
C HIS B 83 20.87 -21.81 45.73
N PRO B 84 20.32 -22.06 46.94
CA PRO B 84 20.76 -21.33 48.13
C PRO B 84 22.14 -21.96 48.48
N LYS B 85 23.10 -21.12 48.78
CA LYS B 85 24.45 -21.59 49.23
C LYS B 85 24.24 -22.47 50.48
N GLY B 86 24.78 -23.67 50.48
CA GLY B 86 24.69 -24.65 51.60
C GLY B 86 23.56 -25.64 51.31
N GLY B 87 22.66 -25.35 50.36
CA GLY B 87 21.54 -26.19 49.95
C GLY B 87 20.20 -26.04 50.68
N LYS B 88 20.04 -25.09 51.60
CA LYS B 88 18.77 -24.81 52.28
C LYS B 88 18.42 -23.32 52.17
N VAL B 89 17.22 -23.00 51.76
CA VAL B 89 16.79 -21.58 51.72
C VAL B 89 16.58 -21.16 53.17
N GLY B 90 17.20 -20.07 53.57
CA GLY B 90 16.96 -19.50 54.93
C GLY B 90 17.35 -18.05 54.82
N LYS B 91 17.17 -17.31 55.89
CA LYS B 91 17.60 -15.91 55.95
C LYS B 91 19.04 -15.77 55.48
N GLU B 92 19.27 -14.87 54.51
CA GLU B 92 20.58 -14.40 54.05
C GLU B 92 21.35 -15.54 53.40
N ALA B 93 20.66 -16.59 52.98
CA ALA B 93 21.30 -17.59 52.13
C ALA B 93 21.55 -16.99 50.76
N THR B 94 22.80 -16.91 50.38
CA THR B 94 23.25 -16.35 49.08
C THR B 94 22.74 -17.22 47.93
N LEU B 95 22.19 -16.62 46.90
CA LEU B 95 21.91 -17.36 45.65
C LEU B 95 23.20 -17.67 44.93
N VAL B 96 23.40 -18.92 44.54
CA VAL B 96 24.62 -19.34 43.83
C VAL B 96 24.24 -20.20 42.65
N VAL B 97 25.16 -20.31 41.68
CA VAL B 97 25.06 -21.44 40.70
C VAL B 97 25.71 -22.68 41.23
N HIS B 98 25.23 -23.86 40.81
CA HIS B 98 25.79 -25.16 41.25
C HIS B 98 25.34 -26.20 40.22
N SER B 99 26.26 -27.06 39.77
CA SER B 99 26.02 -28.15 38.80
C SER B 99 25.36 -29.33 39.51
N SER B 100 24.27 -29.07 40.14
CA SER B 100 23.42 -30.12 40.80
C SER B 100 22.00 -29.72 40.50
N PRO B 101 21.10 -30.71 40.32
CA PRO B 101 19.70 -30.46 40.02
C PRO B 101 19.09 -29.71 41.20
N GLY B 102 18.12 -28.87 40.88
CA GLY B 102 17.25 -28.29 41.91
C GLY B 102 16.39 -29.34 42.60
N ARG B 103 15.92 -29.00 43.76
CA ARG B 103 15.04 -29.89 44.56
C ARG B 103 13.88 -29.05 45.06
N PRO B 104 12.86 -29.65 45.73
CA PRO B 104 11.82 -28.84 46.39
C PRO B 104 12.42 -27.76 47.29
N GLU B 105 13.44 -28.14 48.05
CA GLU B 105 14.19 -27.26 48.99
C GLU B 105 14.92 -26.06 48.30
N THR B 106 15.04 -26.04 46.99
CA THR B 106 15.75 -24.97 46.23
C THR B 106 14.79 -24.30 45.27
N MET B 107 13.48 -24.59 45.29
CA MET B 107 12.59 -24.09 44.23
C MET B 107 12.69 -22.55 44.08
N ILE B 108 12.65 -22.07 42.86
CA ILE B 108 12.70 -20.60 42.61
C ILE B 108 11.88 -20.34 41.37
N GLU B 109 11.06 -19.32 41.43
CA GLU B 109 10.23 -18.92 40.30
C GLU B 109 9.89 -17.44 40.39
N MET B 110 9.51 -16.88 39.24
CA MET B 110 9.02 -15.52 39.16
C MET B 110 7.54 -15.61 39.50
N VAL B 111 7.10 -14.76 40.39
CA VAL B 111 5.69 -14.70 40.78
C VAL B 111 5.19 -13.27 40.62
N GLN B 112 3.87 -13.10 40.47
CA GLN B 112 3.23 -11.76 40.50
C GLN B 112 2.55 -11.57 41.86
N GLU B 113 2.96 -10.58 42.62
CA GLU B 113 2.41 -10.29 43.96
C GLU B 113 2.08 -8.81 44.00
N ASP B 114 0.84 -8.47 44.38
CA ASP B 114 0.28 -7.08 44.35
C ASP B 114 0.67 -6.35 43.04
N GLY B 115 0.64 -6.95 41.82
CA GLY B 115 0.87 -6.24 40.53
C GLY B 115 2.35 -6.10 40.10
N ARG B 116 3.34 -6.61 40.86
CA ARG B 116 4.78 -6.61 40.39
C ARG B 116 5.30 -8.06 40.30
N THR B 117 6.46 -8.27 39.67
CA THR B 117 7.06 -9.62 39.56
C THR B 117 8.28 -9.72 40.46
N TYR B 118 8.34 -10.79 41.24
CA TYR B 118 9.45 -11.02 42.18
C TYR B 118 10.00 -12.44 41.95
N LEU B 119 11.20 -12.66 42.44
CA LEU B 119 11.75 -14.04 42.53
C LEU B 119 11.45 -14.56 43.93
N ARG B 120 10.86 -15.73 43.99
CA ARG B 120 10.38 -16.29 45.25
C ARG B 120 10.80 -17.76 45.37
N HIS B 121 11.14 -18.18 46.58
CA HIS B 121 11.35 -19.63 46.85
C HIS B 121 9.96 -20.21 47.04
N THR B 122 9.49 -20.99 46.08
CA THR B 122 8.17 -21.65 46.05
C THR B 122 7.91 -22.39 47.38
N ASP B 123 6.71 -22.30 47.92
CA ASP B 123 6.24 -22.97 49.16
C ASP B 123 6.93 -22.30 50.36
N SER B 124 7.37 -21.05 50.22
CA SER B 124 7.91 -20.26 51.35
C SER B 124 7.55 -18.78 51.22
N ASP B 125 7.81 -18.03 52.27
CA ASP B 125 7.73 -16.53 52.25
C ASP B 125 9.13 -15.95 52.01
N TYR B 126 10.10 -16.75 51.55
CA TYR B 126 11.44 -16.19 51.21
C TYR B 126 11.46 -15.68 49.76
N TYR B 127 11.86 -14.44 49.58
CA TYR B 127 12.00 -13.82 48.23
C TYR B 127 13.47 -13.43 48.03
N VAL B 128 13.81 -13.01 46.82
CA VAL B 128 15.20 -12.67 46.47
C VAL B 128 15.39 -11.18 46.71
N HIS B 129 16.33 -10.87 47.56
CA HIS B 129 16.74 -9.49 47.94
C HIS B 129 18.21 -9.33 47.56
N PRO B 130 18.66 -8.13 47.19
CA PRO B 130 20.09 -7.82 47.23
C PRO B 130 20.47 -7.81 48.71
N HIS B 131 21.59 -8.41 49.05
CA HIS B 131 22.12 -8.35 50.43
C HIS B 131 22.19 -6.88 50.89
N GLY B 132 21.60 -6.57 52.02
CA GLY B 132 21.59 -5.20 52.60
C GLY B 132 20.30 -4.50 52.27
N GLY B 133 19.61 -5.01 51.24
CA GLY B 133 18.24 -4.59 50.87
C GLY B 133 18.12 -3.19 50.28
N SER B 134 19.24 -2.63 49.79
CA SER B 134 19.24 -1.32 49.10
C SER B 134 18.31 -1.31 47.90
N PRO B 135 17.53 -0.25 47.70
CA PRO B 135 16.79 -0.05 46.45
C PRO B 135 17.79 0.10 45.29
N ASN B 136 18.99 0.57 45.56
CA ASN B 136 20.03 0.72 44.49
C ASN B 136 21.36 0.22 44.99
N PRO B 137 21.53 -1.12 44.99
CA PRO B 137 22.76 -1.72 45.45
C PRO B 137 23.92 -1.36 44.52
N GLY B 138 25.11 -1.42 45.04
CA GLY B 138 26.35 -1.23 44.26
C GLY B 138 26.61 -2.45 43.41
N ASP B 139 27.42 -2.29 42.37
CA ASP B 139 27.84 -3.44 41.55
C ASP B 139 28.42 -4.54 42.45
N ASN B 140 28.18 -5.79 42.07
CA ASN B 140 28.68 -7.03 42.71
C ASN B 140 28.03 -7.24 44.08
N THR B 141 26.94 -6.54 44.38
CA THR B 141 26.08 -6.93 45.53
C THR B 141 25.46 -8.29 45.27
N ARG B 142 25.66 -9.24 46.18
CA ARG B 142 25.09 -10.60 46.03
C ARG B 142 23.57 -10.57 46.27
N LEU B 143 22.85 -11.48 45.63
CA LEU B 143 21.41 -11.78 45.86
C LEU B 143 21.31 -12.83 46.95
N VAL B 144 20.41 -12.62 47.88
CA VAL B 144 20.16 -13.55 49.01
C VAL B 144 18.67 -13.83 49.13
N TYR B 145 18.33 -14.94 49.76
CA TYR B 145 16.94 -15.15 50.18
C TYR B 145 16.73 -14.41 51.49
N TYR B 146 15.56 -13.86 51.65
CA TYR B 146 15.13 -13.13 52.88
C TYR B 146 13.63 -13.12 52.82
N SER B 147 13.05 -13.16 54.02
CA SER B 147 11.60 -13.18 54.23
C SER B 147 10.92 -11.92 53.71
N GLY B 148 9.84 -12.08 52.98
CA GLY B 148 8.97 -10.97 52.62
C GLY B 148 9.38 -10.25 51.32
N TYR B 149 8.48 -9.45 50.82
CA TYR B 149 8.77 -8.69 49.59
C TYR B 149 8.36 -7.23 49.78
N ARG B 150 8.83 -6.39 48.87
CA ARG B 150 8.41 -4.97 48.80
C ARG B 150 8.79 -4.49 47.41
N PRO B 151 8.15 -3.43 46.89
CA PRO B 151 8.29 -3.08 45.47
C PRO B 151 9.73 -2.92 44.96
N SER B 152 10.65 -2.38 45.76
CA SER B 152 12.06 -2.19 45.37
C SER B 152 12.76 -3.53 45.08
N LEU B 153 12.18 -4.71 45.37
CA LEU B 153 12.82 -6.03 45.13
C LEU B 153 12.42 -6.60 43.78
N ALA B 154 11.56 -5.93 43.03
CA ALA B 154 11.00 -6.46 41.78
C ALA B 154 12.02 -6.72 40.72
N PHE B 155 11.78 -7.74 39.92
CA PHE B 155 12.60 -8.15 38.77
C PHE B 155 11.76 -8.07 37.50
N LEU B 156 12.47 -7.85 36.39
CA LEU B 156 11.91 -7.86 35.04
C LEU B 156 12.64 -8.95 34.25
N ALA B 157 11.91 -9.94 33.75
CA ALA B 157 12.47 -10.96 32.86
C ALA B 157 12.34 -10.45 31.42
N ILE B 158 13.47 -10.10 30.80
CA ILE B 158 13.52 -9.50 29.47
C ILE B 158 13.80 -10.63 28.49
N PRO B 159 12.95 -10.91 27.50
CA PRO B 159 13.17 -12.02 26.58
C PRO B 159 14.54 -11.84 25.93
N ALA B 160 15.28 -12.94 25.74
CA ALA B 160 16.70 -12.86 25.30
C ALA B 160 16.95 -13.77 24.09
N GLU B 161 15.89 -14.27 23.44
CA GLU B 161 16.03 -15.01 22.16
C GLU B 161 14.79 -14.68 21.34
N THR B 162 14.88 -14.95 20.05
CA THR B 162 13.79 -14.57 19.10
C THR B 162 13.07 -15.86 18.78
N LEU B 163 11.75 -15.87 18.91
CA LEU B 163 10.94 -17.07 18.61
C LEU B 163 10.17 -16.89 17.29
N PHE B 164 9.63 -18.00 16.76
CA PHE B 164 8.84 -18.00 15.51
C PHE B 164 7.39 -18.24 15.93
N VAL B 165 6.43 -17.46 15.45
CA VAL B 165 5.01 -17.75 15.78
C VAL B 165 4.48 -18.80 14.78
N ASP B 166 4.14 -19.98 15.27
CA ASP B 166 3.75 -21.11 14.43
C ASP B 166 2.25 -20.95 14.13
N ARG B 167 1.44 -20.67 15.14
CA ARG B 167 -0.02 -20.55 14.88
C ARG B 167 -0.67 -19.99 16.13
N ILE B 168 -1.86 -19.46 15.95
CA ILE B 168 -2.75 -19.12 17.09
C ILE B 168 -4.03 -19.92 17.00
N GLU B 169 -4.41 -20.59 18.07
CA GLU B 169 -5.60 -21.49 18.14
C GLU B 169 -6.59 -20.78 19.07
N ILE B 170 -7.71 -20.25 18.54
CA ILE B 170 -8.70 -19.59 19.43
C ILE B 170 -9.47 -20.64 20.24
N HIS B 171 -9.96 -20.27 21.41
CA HIS B 171 -10.73 -21.15 22.31
C HIS B 171 -12.22 -20.87 21.96
N GLN B 172 -12.80 -21.61 21.02
CA GLN B 172 -14.27 -21.56 20.66
C GLN B 172 -15.25 -21.31 21.83
N ALA B 173 -15.22 -22.11 22.88
CA ALA B 173 -16.11 -22.01 24.07
C ALA B 173 -16.30 -20.55 24.52
N GLN B 174 -15.31 -19.67 24.31
CA GLN B 174 -15.41 -18.26 24.80
C GLN B 174 -15.28 -17.32 23.58
N ALA B 175 -15.44 -17.83 22.38
CA ALA B 175 -15.33 -17.03 21.11
C ALA B 175 -16.66 -16.32 20.88
N LEU B 176 -16.71 -15.00 21.02
CA LEU B 176 -17.93 -14.17 20.93
C LEU B 176 -17.92 -13.36 19.63
N GLU B 177 -19.01 -13.44 18.85
CA GLU B 177 -19.19 -12.73 17.56
C GLU B 177 -20.42 -11.83 17.66
N SER B 178 -20.21 -10.55 17.44
CA SER B 178 -21.30 -9.58 17.33
C SER B 178 -21.39 -9.07 15.88
N ILE B 179 -22.50 -9.30 15.24
CA ILE B 179 -22.69 -9.00 13.79
C ILE B 179 -23.61 -7.79 13.69
N ASN B 180 -23.19 -6.79 12.90
N ASN B 180 -23.18 -6.77 12.94
CA ASN B 180 -24.07 -5.63 12.61
CA ASN B 180 -24.09 -5.63 12.58
C ASN B 180 -23.87 -5.21 11.16
C ASN B 180 -23.85 -5.17 11.15
N THR B 181 -24.91 -4.66 10.53
CA THR B 181 -24.84 -4.13 9.17
C THR B 181 -24.41 -2.66 9.21
N ILE B 182 -23.49 -2.30 8.33
CA ILE B 182 -23.02 -0.91 8.13
C ILE B 182 -23.63 -0.50 6.82
N THR B 183 -24.44 0.55 6.85
CA THR B 183 -25.26 0.90 5.67
C THR B 183 -24.78 2.24 5.19
N SER B 184 -24.33 2.38 3.95
CA SER B 184 -23.90 3.67 3.36
C SER B 184 -24.74 4.05 2.13
N LEU B 185 -25.04 5.34 2.02
CA LEU B 185 -25.78 5.93 0.86
C LEU B 185 -24.94 6.89 0.04
N SER B 186 -25.18 6.89 -1.26
CA SER B 186 -24.59 7.84 -2.22
C SER B 186 -25.30 9.17 -2.06
N ASP B 187 -24.86 10.15 -2.81
CA ASP B 187 -25.72 11.34 -3.07
C ASP B 187 -26.98 10.91 -3.83
N GLU B 188 -28.02 11.73 -3.74
CA GLU B 188 -29.25 11.64 -4.56
C GLU B 188 -28.89 12.02 -5.99
N HIS B 189 -29.40 11.29 -6.98
CA HIS B 189 -29.21 11.66 -8.40
C HIS B 189 -30.61 11.68 -9.00
N ARG B 190 -30.94 12.78 -9.65
CA ARG B 190 -32.30 13.07 -10.19
C ARG B 190 -32.14 13.23 -11.69
N ASN B 191 -33.15 12.83 -12.44
CA ASN B 191 -33.17 12.97 -13.91
C ASN B 191 -34.22 14.02 -14.23
N ASP B 192 -33.81 15.29 -14.35
CA ASP B 192 -34.75 16.43 -14.61
C ASP B 192 -34.97 16.54 -16.12
N THR B 193 -35.48 15.51 -16.79
CA THR B 193 -35.61 15.43 -18.28
C THR B 193 -36.64 14.34 -18.66
N ASP B 194 -37.01 14.25 -19.94
CA ASP B 194 -38.00 13.24 -20.45
C ASP B 194 -37.30 12.12 -21.18
N GLN B 195 -35.97 12.04 -21.08
CA GLN B 195 -35.21 10.87 -21.59
C GLN B 195 -34.53 10.20 -20.39
N PRO B 196 -34.55 8.86 -20.32
CA PRO B 196 -33.86 8.11 -19.26
C PRO B 196 -32.39 8.45 -19.53
N VAL B 197 -31.60 8.58 -18.46
CA VAL B 197 -30.19 9.02 -18.43
C VAL B 197 -29.44 7.96 -17.62
N GLN B 198 -28.49 7.29 -18.27
CA GLN B 198 -27.47 6.46 -17.58
C GLN B 198 -26.53 7.43 -16.85
N THR B 199 -26.36 7.23 -15.55
CA THR B 199 -25.65 8.13 -14.64
C THR B 199 -24.72 7.25 -13.83
N SER B 200 -23.48 7.67 -13.69
CA SER B 200 -22.43 6.99 -12.90
C SER B 200 -22.49 7.58 -11.49
N ILE B 201 -22.69 6.68 -10.55
CA ILE B 201 -22.87 7.02 -9.11
C ILE B 201 -21.73 6.31 -8.39
N SER B 202 -21.00 7.04 -7.55
CA SER B 202 -19.81 6.46 -6.88
C SER B 202 -19.97 6.67 -5.38
N VAL B 203 -19.44 5.73 -4.59
N VAL B 203 -19.36 5.77 -4.61
CA VAL B 203 -19.31 5.90 -3.12
CA VAL B 203 -19.30 5.91 -3.12
C VAL B 203 -17.93 5.42 -2.68
C VAL B 203 -17.94 5.39 -2.65
N ALA B 204 -17.41 6.10 -1.64
CA ALA B 204 -16.11 5.81 -0.99
C ALA B 204 -16.39 5.38 0.44
N LEU B 205 -15.94 4.17 0.80
CA LEU B 205 -16.27 3.53 2.08
C LEU B 205 -15.03 3.14 2.93
N GLU B 206 -13.83 3.61 2.58
CA GLU B 206 -12.56 3.28 3.27
C GLU B 206 -12.69 3.41 4.80
N GLU B 207 -13.14 4.57 5.34
CA GLU B 207 -13.18 4.77 6.82
C GLU B 207 -14.14 3.76 7.49
N SER B 208 -15.34 3.58 6.95
CA SER B 208 -16.40 2.78 7.63
C SER B 208 -16.13 1.26 7.53
N LEU B 209 -15.43 0.76 6.49
CA LEU B 209 -15.29 -0.70 6.30
C LEU B 209 -13.84 -1.17 6.61
N GLN B 210 -13.17 -0.44 7.43
CA GLN B 210 -11.77 -0.68 7.86
C GLN B 210 -11.76 -1.93 8.76
N ASP B 211 -11.09 -2.98 8.35
CA ASP B 211 -10.89 -4.19 9.16
C ASP B 211 -9.77 -3.94 10.18
N SER B 212 -9.82 -4.61 11.30
CA SER B 212 -8.78 -4.47 12.34
C SER B 212 -8.62 -5.81 13.07
N ALA B 213 -7.47 -6.05 13.69
CA ALA B 213 -7.28 -7.21 14.55
C ALA B 213 -6.10 -6.93 15.47
N GLN B 214 -6.14 -7.52 16.64
CA GLN B 214 -5.19 -7.21 17.72
C GLN B 214 -5.03 -8.47 18.56
N LEU B 215 -3.84 -8.62 19.13
CA LEU B 215 -3.54 -9.58 20.20
C LEU B 215 -3.40 -8.78 21.48
N SER B 216 -4.05 -9.15 22.56
CA SER B 216 -3.95 -8.32 23.80
C SER B 216 -3.53 -9.23 24.94
N PHE B 217 -2.84 -8.66 25.93
CA PHE B 217 -2.15 -9.38 27.05
C PHE B 217 -2.38 -8.59 28.36
N GLU B 218 -2.38 -9.22 29.54
CA GLU B 218 -2.64 -8.47 30.83
C GLU B 218 -1.45 -7.50 31.10
N ARG B 219 -0.20 -7.98 31.00
CA ARG B 219 1.00 -7.18 31.34
C ARG B 219 1.66 -6.74 30.01
N CYS B 220 2.29 -7.69 29.29
CA CYS B 220 2.80 -7.45 27.91
C CYS B 220 2.98 -8.79 27.24
N PHE B 221 3.13 -8.78 25.94
CA PHE B 221 3.36 -10.02 25.15
C PHE B 221 4.54 -10.77 25.83
N GLY B 222 5.67 -10.11 26.04
CA GLY B 222 6.77 -10.65 26.85
C GLY B 222 7.73 -11.49 26.03
N LEU B 223 7.50 -11.62 24.72
CA LEU B 223 8.34 -12.52 23.87
C LEU B 223 8.72 -11.75 22.62
N LYS B 224 9.90 -12.03 22.11
CA LYS B 224 10.44 -11.40 20.89
C LYS B 224 10.16 -12.34 19.74
N VAL B 225 9.47 -11.89 18.68
CA VAL B 225 9.18 -12.83 17.55
C VAL B 225 9.65 -12.25 16.22
N GLY B 226 10.35 -11.15 16.24
CA GLY B 226 10.67 -10.53 14.95
C GLY B 226 9.64 -9.45 14.70
N SER B 227 9.80 -8.75 13.59
CA SER B 227 9.22 -7.40 13.41
C SER B 227 7.82 -7.58 12.89
N GLU B 228 7.56 -8.70 12.19
CA GLU B 228 6.27 -9.00 11.51
C GLU B 228 6.09 -10.52 11.60
N PHE B 229 4.90 -11.00 11.93
CA PHE B 229 4.57 -12.45 11.78
C PHE B 229 3.16 -12.56 11.21
N GLU B 230 2.90 -13.66 10.52
N GLU B 230 2.91 -13.59 10.40
CA GLU B 230 1.65 -13.83 9.78
CA GLU B 230 1.60 -13.76 9.69
C GLU B 230 0.97 -15.09 10.28
C GLU B 230 0.96 -15.05 10.24
N VAL B 231 -0.33 -15.00 10.60
CA VAL B 231 -1.10 -16.17 11.05
C VAL B 231 -2.50 -16.07 10.45
N GLY B 232 -3.10 -17.21 10.15
CA GLY B 232 -4.54 -17.32 9.87
C GLY B 232 -5.43 -17.24 11.12
N LEU B 233 -6.45 -16.37 11.14
CA LEU B 233 -7.40 -16.27 12.25
C LEU B 233 -8.83 -16.35 11.70
N PRO B 234 -9.73 -17.06 12.39
CA PRO B 234 -11.15 -17.08 12.05
C PRO B 234 -11.86 -15.78 12.45
N LEU B 235 -11.86 -14.80 11.55
CA LEU B 235 -12.40 -13.45 11.83
C LEU B 235 -13.93 -13.50 11.77
N VAL B 236 -14.51 -14.44 11.04
CA VAL B 236 -16.00 -14.57 11.00
C VAL B 236 -16.31 -16.04 10.84
N GLY B 237 -17.00 -16.63 11.81
CA GLY B 237 -17.27 -18.07 11.83
C GLY B 237 -15.93 -18.82 11.82
N LYS B 238 -15.79 -19.80 10.92
CA LYS B 238 -14.67 -20.78 10.84
C LYS B 238 -13.71 -20.33 9.72
N THR B 239 -14.05 -19.32 8.90
CA THR B 239 -13.22 -18.86 7.76
C THR B 239 -11.92 -18.19 8.30
N LYS B 240 -10.75 -18.77 7.99
CA LYS B 240 -9.38 -18.24 8.26
C LYS B 240 -9.01 -17.12 7.28
N VAL B 241 -8.50 -16.02 7.83
CA VAL B 241 -8.07 -14.80 7.12
C VAL B 241 -6.66 -14.54 7.64
N SER B 242 -5.76 -14.23 6.76
CA SER B 242 -4.34 -14.02 7.12
C SER B 242 -4.20 -12.60 7.68
N VAL B 243 -3.56 -12.48 8.85
CA VAL B 243 -3.30 -11.20 9.53
C VAL B 243 -1.80 -11.11 9.81
N GLN B 244 -1.24 -9.96 9.54
CA GLN B 244 0.18 -9.68 9.79
C GLN B 244 0.28 -8.86 11.06
N PHE B 245 1.03 -9.31 12.04
CA PHE B 245 1.17 -8.61 13.33
C PHE B 245 2.57 -8.03 13.46
N SER B 246 2.72 -6.90 14.14
CA SER B 246 4.04 -6.30 14.46
C SER B 246 3.93 -5.58 15.78
N GLY B 247 4.91 -5.72 16.66
CA GLY B 247 4.87 -5.03 17.95
C GLY B 247 6.01 -5.51 18.82
N SER B 248 6.22 -4.88 19.93
CA SER B 248 7.44 -5.13 20.74
C SER B 248 7.00 -6.15 21.80
N TRP B 249 7.93 -6.81 22.46
CA TRP B 249 7.57 -7.70 23.61
C TRP B 249 6.92 -6.87 24.69
N LYS B 250 7.29 -5.58 24.71
CA LYS B 250 6.83 -4.61 25.73
C LYS B 250 5.36 -4.21 25.51
N SER B 251 4.74 -4.55 24.39
CA SER B 251 3.36 -4.11 24.06
C SER B 251 2.35 -5.01 24.76
N SER B 252 1.30 -4.44 25.36
CA SER B 252 0.11 -5.19 25.80
C SER B 252 -0.94 -5.33 24.66
N THR B 253 -0.74 -4.60 23.58
CA THR B 253 -1.61 -4.67 22.38
C THR B 253 -0.77 -4.79 21.11
N ILE B 254 -0.88 -5.91 20.41
N ILE B 254 -0.83 -5.93 20.44
CA ILE B 254 -0.09 -6.11 19.18
CA ILE B 254 -0.06 -6.14 19.18
C ILE B 254 -1.02 -5.92 17.99
C ILE B 254 -1.01 -5.93 18.00
N LYS B 255 -0.70 -4.96 17.15
CA LYS B 255 -1.67 -4.51 16.12
C LYS B 255 -1.49 -5.41 14.90
N GLY B 256 -2.61 -5.83 14.31
CA GLY B 256 -2.53 -6.64 13.08
C GLY B 256 -3.03 -5.88 11.87
N GLU B 257 -2.59 -6.30 10.69
CA GLU B 257 -3.10 -5.74 9.41
C GLU B 257 -3.82 -6.92 8.72
N VAL B 258 -5.12 -6.81 8.50
CA VAL B 258 -5.90 -7.93 7.89
C VAL B 258 -5.57 -7.89 6.41
N ARG B 259 -5.24 -9.03 5.82
CA ARG B 259 -4.96 -9.05 4.36
C ARG B 259 -6.26 -8.74 3.56
N THR B 260 -6.13 -7.89 2.55
CA THR B 260 -7.29 -7.37 1.76
C THR B 260 -8.38 -8.46 1.61
N SER B 261 -9.65 -8.10 1.84
CA SER B 261 -10.90 -8.84 1.53
C SER B 261 -11.45 -8.50 0.14
N ALA B 262 -12.49 -9.22 -0.30
CA ALA B 262 -13.30 -8.90 -1.51
C ALA B 262 -14.29 -7.73 -1.25
N VAL B 263 -14.54 -7.31 -0.02
CA VAL B 263 -15.43 -6.13 0.21
C VAL B 263 -14.88 -4.92 -0.55
N LYS B 264 -15.70 -4.12 -1.25
CA LYS B 264 -15.21 -2.94 -1.98
C LYS B 264 -15.30 -1.77 -1.04
N VAL B 265 -14.32 -0.89 -1.08
CA VAL B 265 -14.35 0.42 -0.37
C VAL B 265 -14.51 1.59 -1.36
N GLN B 266 -14.50 1.30 -2.66
CA GLN B 266 -14.74 2.25 -3.81
C GLN B 266 -15.81 1.58 -4.66
N ILE B 267 -17.02 2.15 -4.77
CA ILE B 267 -18.16 1.55 -5.50
C ILE B 267 -18.48 2.51 -6.64
N ASN B 268 -18.71 1.98 -7.83
CA ASN B 268 -19.12 2.74 -9.05
C ASN B 268 -20.16 1.94 -9.81
N GLU B 269 -21.43 2.35 -9.73
CA GLU B 269 -22.52 1.71 -10.49
C GLU B 269 -22.98 2.71 -11.56
N HIS B 270 -23.34 2.14 -12.70
CA HIS B 270 -23.94 2.92 -13.81
C HIS B 270 -25.43 2.61 -13.74
N VAL B 271 -26.21 3.63 -13.41
CA VAL B 271 -27.66 3.50 -13.12
C VAL B 271 -28.44 4.15 -14.26
N THR B 272 -29.53 3.52 -14.72
CA THR B 272 -30.50 4.11 -15.67
C THR B 272 -31.59 4.75 -14.83
N ILE B 273 -31.58 6.09 -14.79
CA ILE B 273 -32.56 6.90 -14.01
C ILE B 273 -33.69 7.30 -14.96
N PRO B 274 -34.92 6.81 -14.68
CA PRO B 274 -36.09 7.17 -15.49
C PRO B 274 -36.35 8.66 -15.50
N PRO B 275 -37.13 9.15 -16.51
CA PRO B 275 -37.38 10.58 -16.60
C PRO B 275 -38.13 11.02 -15.32
N GLY B 276 -37.70 12.14 -14.77
CA GLY B 276 -38.30 12.82 -13.62
C GLY B 276 -38.01 12.14 -12.28
N LYS B 277 -37.20 11.08 -12.25
CA LYS B 277 -37.05 10.24 -11.04
C LYS B 277 -35.71 10.51 -10.33
N CYS B 278 -35.65 10.17 -9.04
CA CYS B 278 -34.50 10.37 -8.13
C CYS B 278 -34.07 9.04 -7.49
N VAL B 279 -32.78 8.72 -7.50
CA VAL B 279 -32.27 7.47 -6.84
C VAL B 279 -30.96 7.70 -6.06
N GLN B 280 -30.65 6.69 -5.26
CA GLN B 280 -29.41 6.56 -4.48
C GLN B 280 -28.85 5.17 -4.64
N ILE B 281 -27.55 5.02 -4.44
CA ILE B 281 -26.95 3.68 -4.18
C ILE B 281 -26.96 3.47 -2.66
N ARG B 282 -27.41 2.31 -2.26
CA ARG B 282 -27.36 1.80 -0.86
C ARG B 282 -26.36 0.63 -0.87
N ILE B 283 -25.37 0.74 0.00
CA ILE B 283 -24.34 -0.30 0.32
C ILE B 283 -24.63 -0.81 1.74
N ASP B 284 -24.92 -2.09 1.83
CA ASP B 284 -25.06 -2.80 3.12
C ASP B 284 -23.84 -3.71 3.27
N THR B 285 -23.08 -3.54 4.34
CA THR B 285 -21.90 -4.43 4.55
C THR B 285 -21.96 -5.00 5.94
N ARG B 286 -21.79 -6.31 6.07
CA ARG B 286 -21.89 -6.95 7.42
C ARG B 286 -20.55 -6.84 8.15
N ARG B 287 -20.59 -6.45 9.41
CA ARG B 287 -19.38 -6.32 10.25
C ARG B 287 -19.44 -7.41 11.36
N CYS B 288 -18.39 -8.23 11.51
CA CYS B 288 -18.26 -9.16 12.64
C CYS B 288 -17.20 -8.60 13.59
N THR B 289 -17.57 -8.16 14.78
CA THR B 289 -16.67 -7.82 15.89
C THR B 289 -16.52 -9.05 16.78
N LYS B 290 -15.30 -9.59 16.85
CA LYS B 290 -15.05 -10.93 17.43
C LYS B 290 -14.07 -10.77 18.57
N THR B 291 -14.24 -11.52 19.66
N THR B 291 -14.23 -11.57 19.61
CA THR B 291 -13.26 -11.57 20.78
CA THR B 291 -13.24 -11.63 20.70
C THR B 291 -13.14 -13.03 21.18
C THR B 291 -13.15 -13.08 21.10
N ALA B 292 -11.93 -13.51 21.44
CA ALA B 292 -11.73 -14.89 21.88
C ALA B 292 -10.40 -14.96 22.57
N PRO B 293 -10.36 -15.70 23.69
CA PRO B 293 -9.10 -16.17 24.23
C PRO B 293 -8.54 -17.08 23.17
N ALA B 294 -7.21 -17.12 23.13
CA ALA B 294 -6.48 -18.05 22.22
C ALA B 294 -5.16 -18.46 22.84
N THR B 295 -4.59 -19.50 22.26
CA THR B 295 -3.24 -20.00 22.65
C THR B 295 -2.35 -19.72 21.45
N MET B 296 -1.26 -18.97 21.66
CA MET B 296 -0.18 -18.83 20.63
C MET B 296 0.83 -19.98 20.82
N TYR B 297 1.18 -20.66 19.75
CA TYR B 297 2.25 -21.67 19.65
C TYR B 297 3.47 -21.05 19.00
N LEU B 298 4.52 -20.92 19.80
CA LEU B 298 5.82 -20.40 19.31
C LEU B 298 6.90 -21.49 19.31
N ARG B 299 7.92 -21.29 18.51
CA ARG B 299 9.07 -22.23 18.36
C ARG B 299 10.38 -21.45 18.58
N THR B 300 11.30 -22.00 19.39
CA THR B 300 12.70 -21.61 19.46
C THR B 300 13.41 -22.00 18.16
N ALA B 301 14.57 -21.40 17.92
CA ALA B 301 15.40 -21.72 16.74
C ALA B 301 15.64 -23.25 16.66
N SER B 302 15.72 -23.97 17.80
CA SER B 302 15.99 -25.43 17.91
C SER B 302 14.73 -26.26 17.67
N GLY B 303 13.57 -25.59 17.57
CA GLY B 303 12.26 -26.24 17.36
C GLY B 303 11.61 -26.70 18.64
N ILE B 304 11.98 -26.14 19.79
CA ILE B 304 11.19 -26.39 21.04
C ILE B 304 9.93 -25.51 20.96
N GLU B 305 8.79 -26.10 21.28
CA GLU B 305 7.49 -25.42 21.25
C GLU B 305 7.19 -24.84 22.63
N VAL B 306 6.79 -23.58 22.67
CA VAL B 306 6.25 -22.97 23.90
C VAL B 306 4.93 -22.31 23.55
N GLN B 307 4.22 -21.89 24.57
CA GLN B 307 2.86 -21.34 24.38
C GLN B 307 2.74 -20.01 25.11
N ARG B 308 1.89 -19.11 24.61
CA ARG B 308 1.50 -17.87 25.33
C ARG B 308 -0.01 -17.68 25.11
N GLU B 309 -0.74 -17.48 26.17
CA GLU B 309 -2.20 -17.15 26.08
C GLU B 309 -2.31 -15.70 25.59
N THR B 310 -3.39 -15.39 24.89
CA THR B 310 -3.72 -14.04 24.42
C THR B 310 -5.23 -13.95 24.23
N THR B 311 -5.67 -12.76 23.87
CA THR B 311 -7.03 -12.48 23.42
C THR B 311 -6.95 -11.91 22.02
N VAL B 312 -7.65 -12.53 21.08
CA VAL B 312 -7.77 -12.05 19.68
C VAL B 312 -9.06 -11.22 19.58
N THR B 313 -8.94 -9.93 19.29
CA THR B 313 -10.10 -9.08 18.98
C THR B 313 -9.97 -8.64 17.52
N SER B 314 -11.09 -8.62 16.79
CA SER B 314 -11.02 -8.27 15.35
C SER B 314 -12.33 -7.62 14.96
N THR B 315 -12.26 -6.83 13.91
CA THR B 315 -13.39 -6.30 13.12
C THR B 315 -13.12 -6.68 11.67
N TYR B 316 -14.06 -7.38 11.07
CA TYR B 316 -13.98 -7.85 9.69
C TYR B 316 -15.32 -7.67 8.97
N HIS B 317 -15.23 -7.11 7.79
CA HIS B 317 -16.38 -6.79 6.91
C HIS B 317 -16.54 -7.92 5.88
N TYR B 318 -17.77 -8.27 5.58
CA TYR B 318 -18.10 -9.37 4.67
C TYR B 318 -19.51 -9.18 4.13
N ASP B 319 -19.89 -9.97 3.14
CA ASP B 319 -21.25 -10.07 2.54
C ASP B 319 -21.82 -8.69 2.22
N GLN B 320 -21.11 -7.94 1.42
CA GLN B 320 -21.49 -6.59 1.02
C GLN B 320 -22.58 -6.70 -0.05
N GLU B 321 -23.57 -5.82 0.00
CA GLU B 321 -24.64 -5.80 -1.03
C GLU B 321 -24.77 -4.34 -1.51
N VAL B 322 -25.13 -4.20 -2.78
CA VAL B 322 -25.27 -2.91 -3.47
C VAL B 322 -26.66 -2.86 -4.12
N HIS B 323 -27.45 -1.87 -3.76
CA HIS B 323 -28.80 -1.68 -4.33
C HIS B 323 -28.95 -0.27 -4.81
N VAL B 324 -29.72 -0.14 -5.90
CA VAL B 324 -30.25 1.15 -6.41
C VAL B 324 -31.59 1.28 -5.70
N VAL B 325 -31.80 2.36 -4.98
CA VAL B 325 -33.04 2.57 -4.20
C VAL B 325 -33.70 3.89 -4.59
N PRO B 326 -35.05 3.97 -4.57
CA PRO B 326 -35.74 5.23 -4.82
C PRO B 326 -35.42 6.23 -3.69
N VAL B 327 -35.42 7.52 -4.03
CA VAL B 327 -35.33 8.60 -3.00
C VAL B 327 -36.76 9.11 -2.77
N THR B 328 -37.37 9.48 -3.90
CA THR B 328 -38.71 10.06 -4.09
C THR B 328 -39.00 10.12 -5.60
C1 GLC C . -21.99 37.58 -49.33
C2 GLC C . -20.77 38.11 -48.59
C3 GLC C . -20.59 37.38 -47.25
C4 GLC C . -21.87 37.31 -46.48
C5 GLC C . -23.04 36.80 -47.30
C6 GLC C . -24.41 36.83 -46.58
O1 GLC C . -21.76 36.22 -49.66
O2 GLC C . -19.59 37.96 -49.39
O3 GLC C . -19.68 38.19 -46.56
O4 GLC C . -21.74 36.42 -45.40
O5 GLC C . -23.15 37.65 -48.47
O6 GLC C . -25.16 35.80 -47.26
H1 GLC C . -22.13 38.11 -50.14
H2 GLC C . -20.93 39.07 -48.40
H3 GLC C . -20.23 36.48 -47.40
H4 GLC C . -22.08 38.23 -46.17
H5 GLC C . -22.85 35.86 -47.57
H61 GLC C . -24.85 37.71 -46.71
H62 GLC C . -24.34 36.62 -45.62
HO1 GLC C . -22.29 35.66 -49.29
HO2 GLC C . -19.73 38.42 -50.08
HO3 GLC C . -18.97 38.20 -46.89
HO6 GLC C . -24.75 35.35 -47.90
C1 GAL C . -22.13 37.07 -44.26
C2 GAL C . -22.42 35.98 -43.26
C3 GAL C . -22.80 36.61 -41.93
C4 GAL C . -21.71 37.55 -41.45
C5 GAL C . -21.40 38.55 -42.56
C6 GAL C . -20.25 39.46 -42.14
O2 GAL C . -23.47 35.21 -43.71
O3 GAL C . -23.11 35.61 -40.92
O4 GAL C . -20.46 36.92 -41.24
O5 GAL C . -21.08 37.97 -43.84
O6 GAL C . -20.25 40.33 -43.29
H1 GAL C . -22.96 37.59 -44.40
H2 GAL C . -21.61 35.43 -43.13
H3 GAL C . -23.61 37.16 -42.08
H4 GAL C . -22.01 38.04 -40.66
H5 GAL C . -22.21 39.13 -42.68
H61 GAL C . -19.38 38.98 -42.06
H62 GAL C . -20.45 39.97 -41.31
HO2 GAL C . -23.35 34.89 -44.41
HO3 GAL C . -23.70 35.12 -41.17
HO6 GAL C . -20.69 40.22 -43.85
C1 GLA C . -20.35 36.32 -39.95
C2 GLA C . -18.84 36.46 -39.56
C3 GLA C . -17.96 35.57 -40.48
C4 GLA C . -18.43 34.12 -40.41
C5 GLA C . -19.92 34.13 -40.75
C6 GLA C . -20.52 32.71 -40.74
O2 GLA C . -18.48 37.85 -39.60
O3 GLA C . -16.64 35.71 -40.02
O4 GLA C . -18.18 33.60 -39.10
O5 GLA C . -20.71 34.93 -39.93
O6 GLA C . -21.88 32.76 -41.11
H1 GLA C . -20.88 36.82 -39.27
H2 GLA C . -18.74 36.13 -38.64
H3 GLA C . -18.03 35.89 -41.41
H4 GLA C . -17.95 33.59 -41.09
H5 GLA C . -20.00 34.46 -41.68
H61 GLA C . -20.45 32.32 -39.84
H62 GLA C . -20.03 32.13 -41.37
HO2 GLA C . -18.99 38.27 -39.06
HO3 GLA C . -16.37 36.49 -39.93
HO4 GLA C . -17.41 33.65 -38.95
HO6 GLA C . -22.09 33.51 -41.27
C1 GLC D . -32.31 12.05 -51.29
C2 GLC D . -31.09 11.46 -51.86
C3 GLC D . -29.82 12.33 -51.65
C4 GLC D . -30.17 13.73 -52.21
C5 GLC D . -31.38 14.21 -51.47
C6 GLC D . -31.87 15.56 -51.90
O1 GLC D . -32.06 11.64 -49.88
O2 GLC D . -31.13 10.22 -51.08
O3 GLC D . -28.87 11.71 -52.55
O4 GLC D . -29.15 14.78 -52.00
O5 GLC D . -32.58 13.44 -51.54
O6 GLC D . -32.04 16.22 -50.60
H1 GLC D . -33.06 11.53 -51.64
H2 GLC D . -31.23 11.29 -52.82
H3 GLC D . -29.53 12.36 -50.71
H4 GLC D . -30.40 13.63 -53.17
H5 GLC D . -31.12 14.26 -50.53
H61 GLC D . -32.74 15.50 -52.37
H62 GLC D . -31.21 16.04 -52.46
HO1 GLC D . -32.15 12.60 -49.47
HO2 GLC D . -31.45 9.64 -51.41
HO3 GLC D . -28.55 11.05 -52.24
HO6 GLC D . -32.02 15.66 -49.82
C1 GAL D . -28.62 15.27 -53.18
C2 GAL D . -27.76 16.46 -52.86
C3 GAL D . -26.99 16.97 -54.06
C4 GAL D . -26.21 15.88 -54.73
C5 GAL D . -27.24 14.75 -55.02
C6 GAL D . -26.47 13.55 -55.63
O2 GAL D . -28.61 17.53 -52.41
O3 GAL D . -26.21 18.13 -53.72
O4 GAL D . -25.17 15.30 -53.88
O5 GAL D . -27.90 14.19 -53.83
O6 GAL D . -27.38 12.44 -55.52
H1 GAL D . -29.35 15.58 -53.76
H2 GAL D . -27.11 16.21 -52.15
H3 GAL D . -27.67 17.27 -54.71
H4 GAL D . -25.84 16.22 -55.57
H5 GAL D . -27.90 15.08 -55.67
H61 GAL D . -25.63 13.36 -55.12
H62 GAL D . -26.24 13.73 -56.57
HO2 GAL D . -29.08 17.24 -51.74
HO3 GAL D . -26.67 18.64 -53.34
HO6 GAL D . -28.09 12.55 -55.16
C1 GLA D . -23.97 16.11 -53.81
C2 GLA D . -22.81 15.16 -53.85
C3 GLA D . -22.81 14.31 -52.60
C4 GLA D . -22.77 15.20 -51.36
C5 GLA D . -24.03 16.06 -51.46
C6 GLA D . -24.16 17.04 -50.31
O2 GLA D . -22.95 14.24 -54.97
O3 GLA D . -21.77 13.42 -52.51
O4 GLA D . -21.53 15.97 -51.44
O5 GLA D . -23.95 16.91 -52.63
O6 GLA D . -25.31 17.82 -50.52
H1 GLA D . -23.91 16.70 -54.61
H2 GLA D . -21.96 15.67 -53.92
H3 GLA D . -23.67 13.80 -52.57
H4 GLA D . -22.80 14.63 -50.55
H5 GLA D . -24.84 15.48 -51.47
H61 GLA D . -23.36 17.62 -50.26
H62 GLA D . -24.23 16.55 -49.44
HO2 GLA D . -22.93 14.70 -55.66
HO3 GLA D . -21.72 12.89 -53.17
HO4 GLA D . -20.99 15.39 -51.31
HO6 GLA D . -25.71 17.62 -51.19
C1 GLC E . 19.25 -11.25 62.86
C2 GLC E . 18.01 -10.37 62.57
C3 GLC E . 17.85 -10.00 61.04
C4 GLC E . 19.24 -9.54 60.52
C5 GLC E . 20.22 -10.71 60.75
C6 GLC E . 21.59 -10.68 60.08
O1 GLC E . 18.87 -12.59 62.50
O2 GLC E . 16.91 -11.17 63.04
O3 GLC E . 16.82 -9.01 60.92
O4 GLC E . 19.29 -9.23 59.13
O5 GLC E . 20.48 -10.82 62.16
O6 GLC E . 21.78 -11.99 59.43
H1 GLC E . 19.42 -11.22 63.84
H2 GLC E . 18.08 -9.54 63.09
H3 GLC E . 17.59 -10.81 60.54
H4 GLC E . 19.53 -8.77 61.07
H5 GLC E . 19.77 -11.53 60.45
H61 GLC E . 22.30 -10.54 60.75
H62 GLC E . 21.64 -9.96 59.41
HO1 GLC E . 19.41 -12.88 61.71
HO2 GLC E . 16.84 -11.28 63.71
HO3 GLC E . 16.18 -9.23 61.13
HO6 GLC E . 21.21 -12.44 59.57
C1 GAL E . 19.74 -7.94 58.89
C2 GAL E . 20.12 -7.99 57.41
C3 GAL E . 20.51 -6.63 56.92
C4 GAL E . 19.34 -5.67 57.14
C5 GAL E . 18.93 -5.71 58.61
C6 GAL E . 17.65 -4.87 58.98
O2 GAL E . 21.18 -8.90 57.17
O3 GAL E . 20.99 -6.66 55.58
O4 GAL E . 18.14 -5.99 56.44
O5 GAL E . 18.63 -7.07 59.10
O6 GAL E . 17.65 -5.08 60.39
H1 GAL E . 20.52 -7.70 59.44
H2 GAL E . 19.33 -8.30 56.90
H3 GAL E . 21.25 -6.31 57.50
H4 GAL E . 19.63 -4.76 56.93
H5 GAL E . 19.69 -5.36 59.13
H61 GAL E . 16.83 -5.20 58.54
H62 GAL E . 17.79 -3.91 58.78
HO2 GAL E . 20.98 -9.68 57.44
HO3 GAL E . 21.55 -7.18 55.46
HO6 GAL E . 18.04 -5.59 60.66
C1 GLA E . 18.10 -5.43 55.14
C2 GLA E . 16.60 -5.18 54.88
C3 GLA E . 15.85 -6.46 54.78
C4 GLA E . 16.48 -7.36 53.71
C5 GLA E . 17.97 -7.50 53.98
C6 GLA E . 18.71 -8.28 52.87
O2 GLA E . 16.03 -4.41 55.91
O3 GLA E . 14.50 -6.27 54.38
O4 GLA E . 16.23 -6.76 52.39
O5 GLA E . 18.63 -6.23 54.05
O6 GLA E . 20.07 -8.48 53.20
H1 GLA E . 18.54 -4.54 55.13
H2 GLA E . 16.51 -4.71 54.02
H3 GLA E . 15.87 -6.92 55.65
H4 GLA E . 16.07 -8.27 53.76
H5 GLA E . 18.10 -7.98 54.83
H61 GLA E . 18.65 -7.78 52.02
H62 GLA E . 18.27 -9.15 52.74
HO2 GLA E . 16.46 -3.68 55.96
HO3 GLA E . 14.15 -5.76 55.01
HO4 GLA E . 15.48 -6.68 52.29
HO6 GLA E . 20.24 -8.13 53.90
C1 GLC F . 33.24 -28.61 43.73
C2 GLC F . 32.00 -29.46 43.82
C3 GLC F . 30.78 -28.68 44.42
C4 GLC F . 31.07 -28.18 45.85
C5 GLC F . 32.30 -27.37 45.65
C6 GLC F . 32.70 -26.66 46.94
O1 GLC F . 33.11 -27.61 42.67
O2 GLC F . 31.85 -30.03 42.50
O3 GLC F . 29.88 -29.84 44.42
O4 GLC F . 30.11 -27.32 46.59
O5 GLC F . 33.39 -28.12 45.04
O6 GLC F . 32.47 -25.26 46.55
H1 GLC F . 33.99 -29.21 43.52
H2 GLC F . 32.21 -30.21 44.45
H3 GLC F . 30.47 -27.96 43.83
H4 GLC F . 31.32 -28.96 46.40
H5 GLC F . 32.05 -26.66 45.01
H61 GLC F . 33.66 -26.82 47.15
H62 GLC F . 32.15 -26.92 47.72
HO1 GLC F . 33.10 -26.87 43.26
HO2 GLC F . 32.34 -30.32 42.18
HO3 GLC F . 29.52 -30.09 43.81
HO6 GLC F . 32.09 -25.06 45.81
C1 GAL F . 29.49 -27.99 47.67
C2 GAL F . 28.47 -27.11 48.32
C3 GAL F . 27.70 -27.79 49.45
C4 GAL F . 27.06 -29.04 48.94
C5 GAL F . 28.22 -29.88 48.34
C6 GAL F . 27.61 -31.26 47.89
O2 GAL F . 29.30 -26.04 48.80
O3 GAL F . 26.67 -27.03 49.99
O4 GAL F . 26.09 -28.89 47.87
O5 GAL F . 28.89 -29.21 47.20
O6 GAL F . 28.69 -31.89 47.16
H1 GAL F . 30.18 -28.21 48.35
H2 GAL F . 27.83 -26.77 47.64
H3 GAL F . 28.35 -28.03 50.17
H4 GAL F . 26.68 -29.54 49.70
H5 GAL F . 28.87 -30.06 49.05
H61 GAL F . 26.82 -31.14 47.29
H62 GAL F . 27.34 -31.81 48.67
HO2 GAL F . 29.72 -25.67 48.20
HO3 GAL F . 27.13 -26.21 50.18
HO6 GAL F . 29.39 -31.51 47.11
C1 GLA F . 24.79 -28.56 48.34
C2 GLA F . 23.72 -29.25 47.54
C3 GLA F . 23.74 -28.72 46.13
C4 GLA F . 23.59 -27.22 46.19
C5 GLA F . 24.72 -26.62 47.05
C6 GLA F . 24.73 -25.12 47.07
O2 GLA F . 24.05 -30.65 47.50
O3 GLA F . 22.73 -29.34 45.41
O4 GLA F . 22.25 -26.92 46.64
O5 GLA F . 24.60 -27.13 48.42
O6 GLA F . 25.77 -24.62 47.89
H1 GLA F . 24.68 -28.91 49.26
H2 GLA F . 22.84 -29.10 47.96
H3 GLA F . 24.62 -28.94 45.72
H4 GLA F . 23.71 -26.87 45.27
H5 GLA F . 25.59 -26.91 46.65
H61 GLA F . 23.87 -24.81 47.42
H62 GLA F . 24.84 -24.78 46.15
HO2 GLA F . 24.08 -30.96 48.30
HO3 GLA F . 22.78 -30.14 45.40
HO4 GLA F . 21.77 -27.22 46.19
HO6 GLA F . 26.19 -25.25 48.16
C1 EDO G . 32.96 -7.98 36.72
O1 EDO G . 33.07 -6.85 37.60
C2 EDO G . 33.63 -7.78 35.60
O2 EDO G . 34.99 -7.72 35.94
H11 EDO G . 32.00 -8.11 36.50
H12 EDO G . 33.29 -8.78 37.17
HO1 EDO G . 32.51 -6.91 38.28
H21 EDO G . 33.35 -6.95 35.17
H22 EDO G . 33.47 -8.53 34.97
HO2 EDO G . 35.14 -6.94 36.35
#